data_9LJJ
#
_entry.id   9LJJ
#
_cell.length_a   1.00
_cell.length_b   1.00
_cell.length_c   1.00
_cell.angle_alpha   90.00
_cell.angle_beta   90.00
_cell.angle_gamma   90.00
#
_symmetry.space_group_name_H-M   'P 1'
#
loop_
_entity.id
_entity.type
_entity.pdbx_description
1 polymer Heliorhodopsin
2 polymer 'nanobody B4'
3 non-polymer RETINAL
4 non-polymer 'ACETATE ION'
5 non-polymer 1,2-DILAUROYL-SN-GLYCERO-3-PHOSPHATE
6 non-polymer 'PALMITIC ACID'
#
loop_
_entity_poly.entity_id
_entity_poly.type
_entity_poly.pdbx_seq_one_letter_code
_entity_poly.pdbx_strand_id
1 'polypeptide(L)'
;MAKPTVKEIKSLQNFNRIAGVFHLLQMLAVLALANDFALPMTGTYLNGPPGTTFSAPVVILETPVGLAVALFLGLSALFH
FIVSSGNFFKRYSASLMKNQNIFRWVEYSLSSSVMIVLIAQICGIADIVALLAIFGVNASMILFGWLQEKYTQPKDGDLL
PFWFGCIAGIVPWIGLLIYVIAPGSTSDVAVPGFVYGIIISLFLFFNSFALVQYLQYKGKGKWSNYLRGERAYIVLSLVA
KSALAWQIFSGTLIPA
;
A,B
2 'polypeptide(L)'
;MVQLVESGGGLVQAGGSLRLSCAASGMAFSISRMEWHRQAPGNERELVARITGGGRTTYGDSVKGRFTISRDNAKSMVYL
QMNSLKPEDTAVYYCNTGYFWGQGTQVTVSSAAALEHHHHHH
;
M,N
#
# COMPACT_ATOMS: atom_id res chain seq x y z
N PRO A 4 -5.24 44.83 -12.08
CA PRO A 4 -6.36 44.58 -11.17
C PRO A 4 -6.74 45.81 -10.35
N THR A 5 -7.98 46.26 -10.51
CA THR A 5 -8.49 47.43 -9.82
C THR A 5 -9.32 47.01 -8.60
N VAL A 6 -9.96 47.98 -7.96
CA VAL A 6 -10.67 47.71 -6.71
C VAL A 6 -11.94 46.90 -6.96
N LYS A 7 -12.70 47.25 -8.00
CA LYS A 7 -14.00 46.62 -8.24
C LYS A 7 -13.85 45.13 -8.56
N GLU A 8 -12.81 44.78 -9.32
CA GLU A 8 -12.60 43.38 -9.67
C GLU A 8 -12.33 42.55 -8.43
N ILE A 9 -11.53 43.08 -7.49
CA ILE A 9 -11.32 42.40 -6.22
C ILE A 9 -12.55 42.46 -5.34
N LYS A 10 -13.45 43.41 -5.57
CA LYS A 10 -14.65 43.52 -4.75
C LYS A 10 -15.69 42.47 -5.11
N SER A 11 -15.83 42.15 -6.40
CA SER A 11 -16.82 41.17 -6.81
C SER A 11 -16.54 39.75 -6.27
N LEU A 12 -15.28 39.44 -6.00
CA LEU A 12 -14.93 38.11 -5.53
C LEU A 12 -15.56 37.79 -4.18
N GLN A 13 -15.93 38.81 -3.40
CA GLN A 13 -16.64 38.57 -2.15
C GLN A 13 -17.94 37.82 -2.41
N ASN A 14 -18.79 38.37 -3.29
CA ASN A 14 -20.05 37.73 -3.60
C ASN A 14 -19.84 36.40 -4.30
N PHE A 15 -18.82 36.32 -5.16
CA PHE A 15 -18.55 35.06 -5.86
C PHE A 15 -18.25 33.93 -4.86
N ASN A 16 -17.34 34.20 -3.92
CA ASN A 16 -16.99 33.21 -2.92
C ASN A 16 -18.17 32.87 -2.00
N ARG A 17 -18.95 33.88 -1.62
CA ARG A 17 -20.11 33.61 -0.78
C ARG A 17 -21.09 32.66 -1.45
N ILE A 18 -21.36 32.88 -2.74
CA ILE A 18 -22.27 32.00 -3.47
C ILE A 18 -21.73 30.57 -3.50
N ALA A 19 -20.42 30.43 -3.80
CA ALA A 19 -19.84 29.09 -3.84
C ALA A 19 -19.98 28.39 -2.49
N GLY A 20 -19.70 29.11 -1.40
CA GLY A 20 -19.80 28.51 -0.08
C GLY A 20 -21.21 28.06 0.25
N VAL A 21 -22.21 28.89 -0.10
CA VAL A 21 -23.59 28.52 0.17
C VAL A 21 -23.97 27.25 -0.58
N PHE A 22 -23.56 27.15 -1.85
CA PHE A 22 -23.87 25.94 -2.61
C PHE A 22 -23.26 24.70 -1.96
N HIS A 23 -21.99 24.79 -1.56
CA HIS A 23 -21.34 23.65 -0.91
C HIS A 23 -22.07 23.26 0.37
N LEU A 24 -22.47 24.25 1.18
CA LEU A 24 -23.15 23.95 2.43
C LEU A 24 -24.47 23.23 2.20
N LEU A 25 -25.26 23.70 1.23
CA LEU A 25 -26.53 23.05 0.97
C LEU A 25 -26.34 21.60 0.52
N GLN A 26 -25.37 21.37 -0.38
CA GLN A 26 -25.14 20.00 -0.82
C GLN A 26 -24.70 19.10 0.34
N MET A 27 -23.83 19.61 1.22
CA MET A 27 -23.40 18.82 2.37
C MET A 27 -24.58 18.46 3.25
N LEU A 28 -25.46 19.42 3.52
CA LEU A 28 -26.61 19.13 4.39
C LEU A 28 -27.51 18.07 3.78
N ALA A 29 -27.77 18.17 2.46
CA ALA A 29 -28.61 17.18 1.81
C ALA A 29 -28.00 15.78 1.91
N VAL A 30 -26.69 15.67 1.63
CA VAL A 30 -26.04 14.37 1.67
C VAL A 30 -26.07 13.78 3.07
N LEU A 31 -25.84 14.62 4.09
CA LEU A 31 -25.93 14.12 5.46
C LEU A 31 -27.34 13.63 5.78
N ALA A 32 -28.36 14.34 5.31
CA ALA A 32 -29.72 13.99 5.68
C ALA A 32 -30.21 12.73 4.98
N LEU A 33 -29.71 12.44 3.77
CA LEU A 33 -30.32 11.35 2.99
C LEU A 33 -29.56 10.03 3.01
N ALA A 34 -28.28 10.02 3.38
CA ALA A 34 -27.47 8.82 3.21
C ALA A 34 -27.81 7.75 4.24
N ASN A 35 -27.55 6.49 3.86
CA ASN A 35 -27.71 5.35 4.74
C ASN A 35 -26.36 4.96 5.36
N ASP A 36 -26.32 3.80 6.01
CA ASP A 36 -25.13 3.33 6.73
C ASP A 36 -24.37 2.35 5.85
N PHE A 37 -23.24 2.80 5.30
CA PHE A 37 -22.37 1.97 4.48
C PHE A 37 -20.93 2.16 4.94
N ALA A 38 -20.12 1.10 4.83
CA ALA A 38 -18.77 1.16 5.35
C ALA A 38 -17.84 0.30 4.51
N LEU A 39 -16.57 0.70 4.47
CA LEU A 39 -15.53 -0.02 3.75
C LEU A 39 -14.34 -0.27 4.67
N PRO A 40 -13.66 -1.41 4.53
CA PRO A 40 -12.65 -1.78 5.52
C PRO A 40 -11.22 -1.35 5.19
N MET A 41 -10.41 -1.13 6.23
CA MET A 41 -8.96 -1.04 6.14
C MET A 41 -8.37 -2.21 6.91
N THR A 42 -7.53 -2.99 6.25
CA THR A 42 -7.05 -4.30 6.69
C THR A 42 -5.54 -4.31 6.85
N GLY A 43 -4.99 -5.51 7.09
CA GLY A 43 -3.56 -5.71 7.23
C GLY A 43 -3.18 -7.17 7.37
N THR A 44 -2.14 -7.61 6.67
CA THR A 44 -1.70 -9.00 6.66
C THR A 44 -0.29 -9.06 7.25
N TYR A 45 -0.15 -9.73 8.40
CA TYR A 45 1.08 -9.75 9.16
C TYR A 45 1.83 -11.06 8.97
N LEU A 46 3.12 -11.04 9.33
CA LEU A 46 3.93 -12.25 9.31
C LEU A 46 3.65 -13.12 10.53
N ASN A 47 4.14 -14.36 10.45
CA ASN A 47 4.02 -15.31 11.55
C ASN A 47 5.31 -16.10 11.71
N GLY A 48 6.45 -15.50 11.40
CA GLY A 48 7.73 -16.17 11.51
C GLY A 48 8.87 -15.32 11.02
N PRO A 49 9.83 -15.96 10.35
CA PRO A 49 10.95 -15.21 9.77
C PRO A 49 10.48 -14.24 8.70
N PRO A 50 11.35 -13.36 8.20
CA PRO A 50 10.87 -12.27 7.33
C PRO A 50 10.11 -12.72 6.09
N GLY A 51 10.50 -13.82 5.46
CA GLY A 51 9.86 -14.20 4.22
C GLY A 51 9.37 -15.63 4.13
N THR A 52 8.83 -16.17 5.22
CA THR A 52 8.50 -17.58 5.28
C THR A 52 7.00 -17.84 5.41
N THR A 53 6.32 -17.29 6.41
CA THR A 53 4.93 -17.64 6.68
C THR A 53 4.13 -16.40 7.01
N PHE A 54 2.92 -16.31 6.45
CA PHE A 54 2.01 -15.21 6.68
C PHE A 54 0.79 -15.69 7.46
N SER A 55 -0.14 -14.77 7.68
CA SER A 55 -1.38 -15.05 8.39
C SER A 55 -2.57 -14.50 7.59
N ALA A 56 -3.77 -14.93 7.98
CA ALA A 56 -4.96 -14.48 7.30
C ALA A 56 -5.18 -12.99 7.55
N PRO A 57 -5.70 -12.25 6.58
CA PRO A 57 -5.92 -10.82 6.77
C PRO A 57 -6.99 -10.54 7.83
N VAL A 58 -6.83 -9.41 8.52
CA VAL A 58 -7.76 -8.98 9.55
C VAL A 58 -8.14 -7.53 9.26
N VAL A 59 -9.28 -7.12 9.81
CA VAL A 59 -9.83 -5.78 9.58
C VAL A 59 -9.45 -4.90 10.76
N ILE A 60 -8.76 -3.80 10.47
CA ILE A 60 -8.35 -2.86 11.51
C ILE A 60 -9.37 -1.74 11.68
N LEU A 61 -9.77 -1.09 10.60
CA LEU A 61 -10.65 0.07 10.68
C LEU A 61 -11.78 -0.04 9.67
N GLU A 62 -12.79 0.81 9.84
CA GLU A 62 -13.91 0.86 8.89
C GLU A 62 -14.30 2.31 8.63
N THR A 63 -14.24 2.71 7.37
CA THR A 63 -14.60 4.05 6.97
C THR A 63 -16.08 4.11 6.61
N PRO A 64 -16.87 4.97 7.26
CA PRO A 64 -18.20 5.28 6.72
C PRO A 64 -18.09 6.30 5.59
N VAL A 65 -19.01 6.20 4.64
CA VAL A 65 -18.87 6.96 3.40
C VAL A 65 -19.60 8.30 3.46
N GLY A 66 -20.80 8.34 4.03
CA GLY A 66 -21.54 9.59 4.11
C GLY A 66 -20.79 10.66 4.87
N LEU A 67 -20.13 10.29 5.96
CA LEU A 67 -19.36 11.26 6.73
C LEU A 67 -18.16 11.77 5.95
N ALA A 68 -17.50 10.90 5.18
CA ALA A 68 -16.38 11.35 4.36
C ALA A 68 -16.83 12.34 3.28
N VAL A 69 -17.97 12.05 2.64
CA VAL A 69 -18.49 12.97 1.63
C VAL A 69 -18.83 14.32 2.25
N ALA A 70 -19.55 14.28 3.37
CA ALA A 70 -19.85 15.53 4.07
C ALA A 70 -18.58 16.25 4.49
N LEU A 71 -17.52 15.52 4.80
CA LEU A 71 -16.26 16.15 5.20
C LEU A 71 -15.64 16.91 4.05
N PHE A 72 -15.52 16.28 2.88
CA PHE A 72 -14.83 17.02 1.82
C PHE A 72 -15.73 18.03 1.13
N LEU A 73 -17.01 18.08 1.46
CA LEU A 73 -17.78 19.27 1.08
C LEU A 73 -17.69 20.38 2.12
N GLY A 74 -17.72 20.03 3.41
CA GLY A 74 -17.67 21.02 4.46
C GLY A 74 -16.36 21.76 4.53
N LEU A 75 -15.25 21.10 4.17
CA LEU A 75 -13.97 21.80 4.15
C LEU A 75 -14.01 23.00 3.20
N SER A 76 -14.47 22.77 1.97
CA SER A 76 -14.57 23.86 1.01
C SER A 76 -15.56 24.92 1.46
N ALA A 77 -16.71 24.50 2.01
CA ALA A 77 -17.66 25.48 2.51
C ALA A 77 -17.02 26.39 3.54
N LEU A 78 -16.31 25.80 4.51
CA LEU A 78 -15.69 26.57 5.57
C LEU A 78 -14.65 27.54 5.02
N PHE A 79 -13.80 27.07 4.10
CA PHE A 79 -12.76 27.95 3.59
C PHE A 79 -13.34 29.10 2.76
N HIS A 80 -14.36 28.83 1.95
CA HIS A 80 -14.97 29.89 1.16
C HIS A 80 -15.68 30.91 2.04
N PHE A 81 -16.20 30.47 3.19
CA PHE A 81 -16.74 31.47 4.13
C PHE A 81 -15.64 32.22 4.87
N ILE A 82 -14.49 31.60 5.13
CA ILE A 82 -13.40 32.30 5.80
C ILE A 82 -12.84 33.40 4.91
N VAL A 83 -12.65 33.13 3.62
CA VAL A 83 -11.99 34.11 2.75
C VAL A 83 -12.81 35.39 2.66
N SER A 84 -14.14 35.27 2.64
CA SER A 84 -15.03 36.44 2.51
C SER A 84 -15.28 37.14 3.83
N SER A 85 -14.38 36.97 4.81
CA SER A 85 -14.45 37.63 6.11
C SER A 85 -13.86 39.04 6.04
N GLY A 86 -13.45 39.58 7.18
CA GLY A 86 -13.00 40.95 7.28
C GLY A 86 -11.52 41.08 7.01
N ASN A 87 -10.69 41.22 8.06
CA ASN A 87 -9.25 41.39 7.86
C ASN A 87 -8.66 40.29 6.98
N PHE A 88 -9.25 39.09 7.04
CA PHE A 88 -8.84 38.03 6.14
C PHE A 88 -8.99 38.45 4.69
N PHE A 89 -10.07 39.17 4.35
CA PHE A 89 -10.24 39.66 3.00
C PHE A 89 -9.20 40.72 2.65
N LYS A 90 -8.79 41.54 3.62
CA LYS A 90 -7.73 42.51 3.37
C LYS A 90 -6.43 41.81 2.99
N ARG A 91 -6.04 40.79 3.75
CA ARG A 91 -4.83 40.06 3.40
C ARG A 91 -5.00 39.31 2.08
N TYR A 92 -6.20 38.81 1.82
CA TYR A 92 -6.47 38.11 0.57
C TYR A 92 -6.27 39.03 -0.63
N SER A 93 -6.82 40.25 -0.58
CA SER A 93 -6.64 41.20 -1.66
C SER A 93 -5.17 41.61 -1.80
N ALA A 94 -4.50 41.84 -0.66
CA ALA A 94 -3.08 42.21 -0.72
C ALA A 94 -2.26 41.12 -1.40
N SER A 95 -2.54 39.86 -1.10
CA SER A 95 -1.81 38.77 -1.72
C SER A 95 -2.16 38.61 -3.19
N LEU A 96 -3.43 38.82 -3.56
CA LEU A 96 -3.79 38.78 -4.98
C LEU A 96 -3.08 39.86 -5.76
N MET A 97 -2.82 41.00 -5.14
CA MET A 97 -2.05 42.05 -5.82
C MET A 97 -0.63 41.60 -6.15
N LYS A 98 -0.12 40.58 -5.45
CA LYS A 98 1.25 40.09 -5.63
C LYS A 98 1.32 38.83 -6.47
N ASN A 99 0.19 38.41 -7.06
CA ASN A 99 0.12 37.24 -7.94
C ASN A 99 0.38 35.93 -7.19
N GLN A 100 -0.24 35.76 -6.03
CA GLN A 100 -0.21 34.47 -5.35
C GLN A 100 -1.38 34.38 -4.38
N ASN A 101 -1.78 33.13 -4.09
CA ASN A 101 -2.87 32.84 -3.18
C ASN A 101 -2.50 31.62 -2.36
N ILE A 102 -2.80 31.66 -1.06
CA ILE A 102 -2.36 30.65 -0.12
C ILE A 102 -3.52 29.82 0.40
N PHE A 103 -4.70 30.44 0.60
CA PHE A 103 -5.85 29.71 1.10
C PHE A 103 -6.20 28.51 0.22
N ARG A 104 -6.05 28.68 -1.09
CA ARG A 104 -6.45 27.65 -2.04
C ARG A 104 -5.65 26.37 -1.84
N TRP A 105 -4.34 26.49 -1.65
CA TRP A 105 -3.51 25.30 -1.52
C TRP A 105 -3.75 24.61 -0.18
N VAL A 106 -3.99 25.38 0.87
CA VAL A 106 -4.30 24.80 2.17
C VAL A 106 -5.61 24.01 2.10
N GLU A 107 -6.58 24.52 1.34
CA GLU A 107 -7.82 23.75 1.13
C GLU A 107 -7.56 22.48 0.32
N TYR A 108 -6.84 22.62 -0.80
CA TYR A 108 -6.71 21.51 -1.74
C TYR A 108 -5.93 20.36 -1.13
N SER A 109 -4.89 20.65 -0.34
CA SER A 109 -4.02 19.60 0.17
C SER A 109 -4.76 18.62 1.08
N LEU A 110 -5.94 18.98 1.57
CA LEU A 110 -6.79 18.05 2.30
C LEU A 110 -7.94 17.52 1.46
N SER A 111 -8.63 18.39 0.71
CA SER A 111 -9.80 17.95 -0.04
C SER A 111 -9.43 16.92 -1.11
N SER A 112 -8.39 17.20 -1.89
CA SER A 112 -8.01 16.29 -2.96
C SER A 112 -7.52 14.96 -2.40
N SER A 113 -6.82 15.01 -1.26
CA SER A 113 -6.34 13.77 -0.64
C SER A 113 -7.51 12.89 -0.20
N VAL A 114 -8.52 13.48 0.44
CA VAL A 114 -9.69 12.70 0.83
C VAL A 114 -10.38 12.11 -0.39
N MET A 115 -10.54 12.92 -1.44
CA MET A 115 -11.14 12.41 -2.67
C MET A 115 -10.40 11.20 -3.20
N ILE A 116 -9.09 11.30 -3.34
CA ILE A 116 -8.34 10.22 -3.97
C ILE A 116 -8.32 8.98 -3.09
N VAL A 117 -8.31 9.15 -1.76
CA VAL A 117 -8.38 8.00 -0.88
C VAL A 117 -9.71 7.26 -1.08
N LEU A 118 -10.82 8.00 -1.14
CA LEU A 118 -12.11 7.35 -1.35
C LEU A 118 -12.18 6.65 -2.70
N ILE A 119 -11.66 7.30 -3.75
CA ILE A 119 -11.71 6.71 -5.08
C ILE A 119 -10.88 5.43 -5.12
N ALA A 120 -9.71 5.43 -4.50
CA ALA A 120 -8.90 4.22 -4.45
C ALA A 120 -9.57 3.13 -3.62
N GLN A 121 -10.25 3.50 -2.54
CA GLN A 121 -10.90 2.50 -1.70
C GLN A 121 -12.06 1.82 -2.42
N ILE A 122 -12.79 2.56 -3.25
CA ILE A 122 -13.91 1.96 -3.97
C ILE A 122 -13.43 0.89 -4.94
N CYS A 123 -12.26 1.10 -5.56
CA CYS A 123 -11.77 0.17 -6.57
C CYS A 123 -11.35 -1.17 -6.00
N GLY A 124 -11.10 -1.26 -4.70
CA GLY A 124 -10.74 -2.53 -4.09
C GLY A 124 -9.38 -2.56 -3.44
N ILE A 125 -8.91 -1.42 -2.94
CA ILE A 125 -7.65 -1.33 -2.21
C ILE A 125 -7.97 -1.20 -0.73
N ALA A 126 -7.34 -2.03 0.10
CA ALA A 126 -7.68 -2.08 1.51
C ALA A 126 -6.51 -1.91 2.46
N ASP A 127 -5.26 -2.08 2.01
CA ASP A 127 -4.13 -1.92 2.91
C ASP A 127 -4.05 -0.48 3.42
N ILE A 128 -3.71 -0.33 4.70
CA ILE A 128 -3.65 0.99 5.31
C ILE A 128 -2.44 1.78 4.82
N VAL A 129 -1.30 1.11 4.64
CA VAL A 129 -0.09 1.80 4.22
C VAL A 129 -0.26 2.36 2.80
N ALA A 130 -0.97 1.63 1.94
CA ALA A 130 -1.23 2.14 0.59
C ALA A 130 -2.00 3.45 0.64
N LEU A 131 -3.05 3.50 1.46
CA LEU A 131 -3.85 4.72 1.58
C LEU A 131 -3.04 5.87 2.17
N LEU A 132 -2.24 5.58 3.20
CA LEU A 132 -1.42 6.63 3.81
C LEU A 132 -0.42 7.21 2.80
N ALA A 133 0.24 6.33 2.04
CA ALA A 133 1.22 6.82 1.07
C ALA A 133 0.56 7.55 -0.09
N ILE A 134 -0.65 7.15 -0.49
CA ILE A 134 -1.38 7.90 -1.51
C ILE A 134 -1.71 9.30 -1.02
N PHE A 135 -2.16 9.41 0.23
CA PHE A 135 -2.35 10.71 0.87
C PHE A 135 -1.08 11.56 0.76
N GLY A 136 0.06 10.97 1.13
CA GLY A 136 1.31 11.71 1.08
C GLY A 136 1.67 12.18 -0.31
N VAL A 137 1.48 11.32 -1.32
CA VAL A 137 1.83 11.67 -2.69
C VAL A 137 0.98 12.84 -3.18
N ASN A 138 -0.33 12.79 -2.93
CA ASN A 138 -1.19 13.88 -3.39
C ASN A 138 -0.83 15.19 -2.71
N ALA A 139 -0.58 15.16 -1.39
CA ALA A 139 -0.16 16.38 -0.71
C ALA A 139 1.13 16.92 -1.28
N SER A 140 2.08 16.04 -1.63
CA SER A 140 3.33 16.48 -2.23
C SER A 140 3.09 17.19 -3.55
N MET A 141 2.19 16.67 -4.37
CA MET A 141 1.88 17.33 -5.65
C MET A 141 1.35 18.74 -5.43
N ILE A 142 0.43 18.90 -4.47
CA ILE A 142 -0.12 20.23 -4.22
C ILE A 142 0.97 21.19 -3.73
N LEU A 143 1.86 20.70 -2.85
CA LEU A 143 2.93 21.56 -2.35
C LEU A 143 3.89 21.96 -3.47
N PHE A 144 4.14 21.08 -4.42
CA PHE A 144 4.94 21.46 -5.58
C PHE A 144 4.29 22.58 -6.37
N GLY A 145 2.97 22.51 -6.54
CA GLY A 145 2.27 23.62 -7.19
C GLY A 145 2.44 24.93 -6.43
N TRP A 146 2.35 24.87 -5.09
CA TRP A 146 2.56 26.06 -4.27
C TRP A 146 3.94 26.66 -4.50
N LEU A 147 4.98 25.81 -4.51
CA LEU A 147 6.34 26.32 -4.70
C LEU A 147 6.50 26.94 -6.08
N GLN A 148 5.92 26.32 -7.11
CA GLN A 148 5.97 26.90 -8.45
C GLN A 148 5.36 28.27 -8.49
N GLU A 149 4.22 28.45 -7.83
CA GLU A 149 3.57 29.76 -7.84
C GLU A 149 4.38 30.78 -7.05
N LYS A 150 5.04 30.35 -5.96
CA LYS A 150 5.74 31.29 -5.09
C LYS A 150 7.05 31.79 -5.71
N TYR A 151 7.84 30.91 -6.32
CA TYR A 151 9.23 31.25 -6.63
C TYR A 151 9.48 31.72 -8.06
N THR A 152 8.51 31.67 -8.95
CA THR A 152 8.74 32.05 -10.34
C THR A 152 7.78 33.16 -10.76
N GLN A 153 7.93 33.60 -12.02
CA GLN A 153 7.23 34.74 -12.58
C GLN A 153 6.65 34.38 -13.94
N PRO A 154 5.49 34.90 -14.29
CA PRO A 154 4.91 34.58 -15.60
C PRO A 154 5.74 35.12 -16.75
N LYS A 155 5.69 34.40 -17.87
CA LYS A 155 6.31 34.73 -19.15
C LYS A 155 7.84 34.66 -19.13
N ASP A 156 8.47 34.17 -18.07
CA ASP A 156 9.92 34.06 -18.04
C ASP A 156 10.43 32.70 -18.52
N GLY A 157 9.53 31.74 -18.74
CA GLY A 157 9.92 30.47 -19.34
C GLY A 157 10.43 29.42 -18.39
N ASP A 158 10.31 29.62 -17.08
CA ASP A 158 10.78 28.64 -16.09
C ASP A 158 9.58 27.84 -15.58
N LEU A 159 9.62 26.53 -15.78
CA LEU A 159 8.50 25.66 -15.45
C LEU A 159 8.97 24.37 -14.81
N LEU A 160 9.95 24.45 -13.91
CA LEU A 160 10.50 23.22 -13.34
C LEU A 160 9.61 22.61 -12.25
N PRO A 161 9.16 23.37 -11.25
CA PRO A 161 8.27 22.76 -10.24
C PRO A 161 6.97 22.26 -10.82
N PHE A 162 6.48 22.85 -11.91
CA PHE A 162 5.30 22.31 -12.57
C PHE A 162 5.56 20.90 -13.09
N TRP A 163 6.70 20.69 -13.74
CA TRP A 163 7.04 19.35 -14.21
C TRP A 163 7.25 18.39 -13.05
N PHE A 164 7.84 18.86 -11.96
CA PHE A 164 7.99 18.00 -10.78
C PHE A 164 6.64 17.58 -10.22
N GLY A 165 5.69 18.52 -10.14
CA GLY A 165 4.37 18.18 -9.67
C GLY A 165 3.64 17.23 -10.61
N CYS A 166 3.86 17.37 -11.91
CA CYS A 166 3.28 16.42 -12.86
C CYS A 166 3.86 15.03 -12.66
N ILE A 167 5.18 14.94 -12.40
CA ILE A 167 5.80 13.64 -12.16
C ILE A 167 5.24 13.01 -10.88
N ALA A 168 5.08 13.80 -9.83
CA ALA A 168 4.70 13.23 -8.54
C ALA A 168 3.20 13.03 -8.38
N GLY A 169 2.40 13.26 -9.42
CA GLY A 169 0.97 13.11 -9.34
C GLY A 169 0.37 12.01 -10.20
N ILE A 170 1.18 11.11 -10.75
CA ILE A 170 0.71 10.06 -11.65
C ILE A 170 0.76 8.69 -11.02
N VAL A 171 1.34 8.54 -9.84
CA VAL A 171 1.47 7.25 -9.16
C VAL A 171 0.12 6.65 -8.77
N PRO A 172 -0.78 7.39 -8.10
CA PRO A 172 -2.07 6.78 -7.73
C PRO A 172 -2.86 6.25 -8.91
N TRP A 173 -2.79 6.91 -10.06
CA TRP A 173 -3.53 6.44 -11.21
C TRP A 173 -2.90 5.19 -11.81
N ILE A 174 -1.58 5.05 -11.69
CA ILE A 174 -0.94 3.79 -12.09
C ILE A 174 -1.42 2.66 -11.18
N GLY A 175 -1.51 2.91 -9.88
CA GLY A 175 -2.04 1.89 -8.98
C GLY A 175 -3.48 1.51 -9.30
N LEU A 176 -4.32 2.51 -9.57
CA LEU A 176 -5.70 2.25 -9.95
C LEU A 176 -5.77 1.43 -11.23
N LEU A 177 -4.93 1.75 -12.21
CA LEU A 177 -4.90 0.97 -13.44
C LEU A 177 -4.50 -0.47 -13.17
N ILE A 178 -3.52 -0.69 -12.28
CA ILE A 178 -3.09 -2.05 -11.99
C ILE A 178 -4.22 -2.86 -11.37
N TYR A 179 -4.91 -2.29 -10.38
CA TYR A 179 -6.05 -3.03 -9.80
C TYR A 179 -7.27 -3.11 -10.71
N VAL A 180 -7.35 -2.29 -11.76
CA VAL A 180 -8.45 -2.48 -12.70
C VAL A 180 -8.13 -3.58 -13.71
N ILE A 181 -6.89 -3.64 -14.20
CA ILE A 181 -6.51 -4.71 -15.11
C ILE A 181 -6.49 -6.05 -14.40
N ALA A 182 -6.05 -6.07 -13.14
CA ALA A 182 -6.04 -7.25 -12.26
C ALA A 182 -5.22 -8.39 -12.85
N PRO A 183 -3.90 -8.29 -12.89
CA PRO A 183 -3.09 -9.38 -13.42
C PRO A 183 -2.90 -10.50 -12.40
N GLY A 184 -2.99 -11.74 -12.88
CA GLY A 184 -2.74 -12.89 -12.04
C GLY A 184 -3.92 -13.37 -11.22
N SER A 185 -5.11 -12.81 -11.42
CA SER A 185 -6.25 -13.20 -10.59
C SER A 185 -6.93 -14.45 -11.15
N THR A 186 -7.73 -15.08 -10.30
CA THR A 186 -8.55 -16.24 -10.65
C THR A 186 -9.99 -15.91 -10.27
N SER A 187 -10.71 -15.27 -11.19
CA SER A 187 -12.07 -14.84 -10.90
C SER A 187 -12.84 -14.72 -12.21
N ASP A 188 -14.17 -14.63 -12.06
CA ASP A 188 -15.05 -14.53 -13.22
C ASP A 188 -16.16 -13.49 -13.02
N VAL A 189 -15.93 -12.47 -12.21
CA VAL A 189 -16.89 -11.42 -11.94
C VAL A 189 -16.34 -10.11 -12.47
N ALA A 190 -17.11 -9.44 -13.32
CA ALA A 190 -16.66 -8.24 -14.00
C ALA A 190 -16.95 -6.99 -13.15
N VAL A 191 -16.19 -5.94 -13.43
CA VAL A 191 -16.32 -4.67 -12.71
C VAL A 191 -17.61 -3.97 -13.16
N PRO A 192 -18.35 -3.31 -12.25
CA PRO A 192 -19.56 -2.59 -12.68
C PRO A 192 -19.23 -1.36 -13.53
N GLY A 193 -20.25 -0.60 -13.90
CA GLY A 193 -20.07 0.53 -14.80
C GLY A 193 -19.76 1.86 -14.12
N PHE A 194 -20.41 2.11 -12.99
CA PHE A 194 -20.19 3.38 -12.30
C PHE A 194 -18.74 3.54 -11.84
N VAL A 195 -18.03 2.43 -11.65
CA VAL A 195 -16.60 2.52 -11.34
C VAL A 195 -15.85 3.15 -12.51
N TYR A 196 -16.12 2.68 -13.73
CA TYR A 196 -15.50 3.25 -14.91
C TYR A 196 -15.88 4.72 -15.07
N GLY A 197 -17.16 5.03 -14.86
CA GLY A 197 -17.58 6.42 -14.95
C GLY A 197 -16.82 7.33 -14.01
N ILE A 198 -16.70 6.90 -12.74
CA ILE A 198 -16.00 7.71 -11.74
C ILE A 198 -14.54 7.91 -12.14
N ILE A 199 -13.87 6.82 -12.53
CA ILE A 199 -12.45 6.91 -12.86
C ILE A 199 -12.23 7.88 -14.01
N ILE A 200 -12.98 7.71 -15.11
CA ILE A 200 -12.75 8.53 -16.29
C ILE A 200 -13.06 9.99 -16.00
N SER A 201 -14.19 10.27 -15.35
CA SER A 201 -14.56 11.65 -15.08
C SER A 201 -13.53 12.36 -14.22
N LEU A 202 -13.07 11.67 -13.16
CA LEU A 202 -12.12 12.34 -12.27
C LEU A 202 -10.76 12.52 -12.92
N PHE A 203 -10.35 11.59 -13.76
CA PHE A 203 -9.10 11.81 -14.49
C PHE A 203 -9.20 13.04 -15.39
N LEU A 204 -10.33 13.21 -16.07
CA LEU A 204 -10.49 14.38 -16.93
C LEU A 204 -10.46 15.67 -16.11
N PHE A 205 -11.10 15.67 -14.94
CA PHE A 205 -11.09 16.89 -14.12
C PHE A 205 -9.69 17.24 -13.62
N PHE A 206 -8.91 16.24 -13.21
CA PHE A 206 -7.55 16.52 -12.77
C PHE A 206 -6.71 17.08 -13.92
N ASN A 207 -6.85 16.51 -15.12
CA ASN A 207 -6.16 17.06 -16.27
C ASN A 207 -6.57 18.51 -16.52
N SER A 208 -7.85 18.83 -16.31
CA SER A 208 -8.31 20.20 -16.48
C SER A 208 -7.61 21.16 -15.51
N PHE A 209 -7.48 20.76 -14.25
CA PHE A 209 -6.79 21.62 -13.28
C PHE A 209 -5.34 21.88 -13.71
N ALA A 210 -4.63 20.81 -14.10
CA ALA A 210 -3.24 20.99 -14.53
C ALA A 210 -3.14 21.91 -15.74
N LEU A 211 -4.06 21.74 -16.70
CA LEU A 211 -4.04 22.59 -17.89
C LEU A 211 -4.28 24.05 -17.55
N VAL A 212 -5.18 24.32 -16.61
CA VAL A 212 -5.43 25.71 -16.22
C VAL A 212 -4.17 26.33 -15.63
N GLN A 213 -3.47 25.59 -14.77
CA GLN A 213 -2.21 26.10 -14.23
C GLN A 213 -1.21 26.43 -15.35
N TYR A 214 -1.04 25.50 -16.29
CA TYR A 214 -0.06 25.70 -17.35
C TYR A 214 -0.42 26.91 -18.21
N LEU A 215 -1.69 27.04 -18.58
CA LEU A 215 -2.09 28.17 -19.42
C LEU A 215 -1.98 29.49 -18.67
N GLN A 216 -2.22 29.49 -17.36
CA GLN A 216 -2.06 30.72 -16.59
C GLN A 216 -0.61 31.17 -16.57
N TYR A 217 0.33 30.25 -16.40
CA TYR A 217 1.73 30.66 -16.32
C TYR A 217 2.45 30.67 -17.67
N LYS A 218 1.79 30.31 -18.77
CA LYS A 218 2.41 30.51 -20.08
C LYS A 218 2.39 31.97 -20.48
N GLY A 219 1.28 32.66 -20.23
CA GLY A 219 1.21 34.08 -20.48
C GLY A 219 0.92 34.45 -21.93
N LYS A 220 -0.25 34.07 -22.43
CA LYS A 220 -0.65 34.45 -23.78
C LYS A 220 -1.19 35.87 -23.79
N GLY A 221 -1.77 36.27 -24.93
CA GLY A 221 -2.31 37.60 -25.06
C GLY A 221 -3.62 37.80 -24.31
N LYS A 222 -4.32 36.71 -24.02
CA LYS A 222 -5.60 36.79 -23.33
C LYS A 222 -5.51 36.40 -21.86
N TRP A 223 -4.66 35.44 -21.53
CA TRP A 223 -4.54 34.94 -20.17
C TRP A 223 -3.57 35.74 -19.32
N SER A 224 -3.19 36.94 -19.77
CA SER A 224 -2.26 37.76 -19.01
C SER A 224 -2.88 38.29 -17.72
N ASN A 225 -4.19 38.16 -17.55
CA ASN A 225 -4.87 38.60 -16.35
C ASN A 225 -5.01 37.44 -15.38
N TYR A 226 -4.67 37.67 -14.10
CA TYR A 226 -4.65 36.59 -13.12
C TYR A 226 -6.06 36.22 -12.68
N LEU A 227 -6.99 37.17 -12.74
CA LEU A 227 -8.32 36.93 -12.20
C LEU A 227 -9.09 35.91 -13.03
N ARG A 228 -8.77 35.78 -14.32
CA ARG A 228 -9.37 34.72 -15.13
C ARG A 228 -9.02 33.35 -14.57
N GLY A 229 -7.74 33.15 -14.24
CA GLY A 229 -7.33 31.90 -13.64
C GLY A 229 -7.94 31.68 -12.27
N GLU A 230 -8.08 32.75 -11.49
CA GLU A 230 -8.72 32.63 -10.19
C GLU A 230 -10.16 32.15 -10.32
N ARG A 231 -10.91 32.75 -11.25
CA ARG A 231 -12.29 32.35 -11.47
C ARG A 231 -12.39 30.92 -11.97
N ALA A 232 -11.47 30.53 -12.86
CA ALA A 232 -11.45 29.15 -13.34
C ALA A 232 -11.21 28.17 -12.21
N TYR A 233 -10.27 28.48 -11.31
CA TYR A 233 -10.03 27.61 -10.17
C TYR A 233 -11.22 27.52 -9.23
N ILE A 234 -11.99 28.59 -9.05
CA ILE A 234 -13.20 28.49 -8.23
C ILE A 234 -14.25 27.61 -8.91
N VAL A 235 -14.48 27.81 -10.21
CA VAL A 235 -15.57 27.11 -10.89
C VAL A 235 -15.27 25.62 -10.99
N LEU A 236 -14.03 25.26 -11.34
CA LEU A 236 -13.70 23.84 -11.48
C LEU A 236 -13.83 23.12 -10.13
N SER A 237 -13.40 23.77 -9.05
CA SER A 237 -13.57 23.21 -7.73
C SER A 237 -15.04 23.04 -7.36
N LEU A 238 -15.88 24.02 -7.71
CA LEU A 238 -17.31 23.87 -7.44
C LEU A 238 -17.96 22.75 -8.24
N VAL A 239 -17.42 22.45 -9.43
CA VAL A 239 -18.02 21.39 -10.30
C VAL A 239 -17.52 20.00 -9.87
N ALA A 240 -16.20 19.84 -9.71
CA ALA A 240 -15.58 18.54 -9.35
C ALA A 240 -16.26 17.91 -8.12
N LYS A 241 -16.37 18.66 -7.02
CA LYS A 241 -16.93 18.14 -5.78
C LYS A 241 -18.33 17.59 -6.00
N SER A 242 -19.15 18.35 -6.73
CA SER A 242 -20.56 17.95 -7.01
C SER A 242 -20.62 16.77 -7.98
N ALA A 243 -19.69 16.72 -8.94
CA ALA A 243 -19.66 15.63 -9.93
C ALA A 243 -19.34 14.28 -9.26
N LEU A 244 -18.49 14.31 -8.23
CA LEU A 244 -18.08 13.11 -7.51
C LEU A 244 -19.04 12.70 -6.40
N ALA A 245 -19.57 13.65 -5.64
CA ALA A 245 -20.37 13.31 -4.47
C ALA A 245 -21.72 12.71 -4.82
N TRP A 246 -22.24 12.95 -6.02
CA TRP A 246 -23.53 12.42 -6.43
C TRP A 246 -23.42 11.20 -7.34
N GLN A 247 -22.21 10.75 -7.64
CA GLN A 247 -22.01 9.47 -8.30
C GLN A 247 -21.79 8.33 -7.31
N ILE A 248 -21.14 8.60 -6.18
CA ILE A 248 -21.05 7.63 -5.11
C ILE A 248 -22.42 7.39 -4.49
N PHE A 249 -23.18 8.46 -4.25
CA PHE A 249 -24.47 8.35 -3.58
C PHE A 249 -25.44 7.49 -4.39
N SER A 250 -25.49 7.68 -5.70
CA SER A 250 -26.39 6.93 -6.56
C SER A 250 -25.65 5.69 -7.04
N GLY A 251 -25.83 4.57 -6.33
CA GLY A 251 -25.17 3.34 -6.70
C GLY A 251 -24.64 2.58 -5.51
N THR A 252 -24.29 3.30 -4.44
CA THR A 252 -23.77 2.69 -3.23
C THR A 252 -24.62 2.97 -2.01
N LEU A 253 -25.02 4.23 -1.80
CA LEU A 253 -25.69 4.65 -0.57
C LEU A 253 -27.19 4.72 -0.70
N ILE A 254 -27.76 4.44 -1.86
CA ILE A 254 -29.16 4.75 -2.13
C ILE A 254 -30.21 3.75 -1.64
N PRO A 255 -29.94 2.41 -1.56
CA PRO A 255 -31.07 1.51 -1.32
C PRO A 255 -31.53 1.45 0.13
N ALA A 256 -31.82 2.61 0.72
CA ALA A 256 -32.35 2.69 2.08
C ALA A 256 -32.88 4.08 2.37
N PRO B 4 36.28 29.09 -3.03
CA PRO B 4 36.78 27.86 -3.65
C PRO B 4 37.78 28.11 -4.77
N THR B 5 39.00 27.59 -4.60
CA THR B 5 40.07 27.76 -5.56
C THR B 5 40.19 26.51 -6.43
N VAL B 6 41.22 26.47 -7.27
CA VAL B 6 41.37 25.40 -8.23
C VAL B 6 41.75 24.08 -7.55
N LYS B 7 42.67 24.14 -6.59
CA LYS B 7 43.19 22.91 -5.99
C LYS B 7 42.11 22.17 -5.20
N GLU B 8 41.24 22.92 -4.52
CA GLU B 8 40.16 22.29 -3.76
C GLU B 8 39.22 21.52 -4.68
N ILE B 9 38.90 22.09 -5.84
CA ILE B 9 38.09 21.38 -6.82
C ILE B 9 38.88 20.27 -7.50
N LYS B 10 40.21 20.34 -7.47
CA LYS B 10 41.03 19.31 -8.11
C LYS B 10 41.08 18.03 -7.27
N SER B 11 41.14 18.17 -5.94
CA SER B 11 41.23 16.98 -5.08
C SER B 11 39.98 16.10 -5.15
N LEU B 12 38.83 16.68 -5.48
CA LEU B 12 37.60 15.90 -5.52
C LEU B 12 37.63 14.81 -6.58
N GLN B 13 38.48 14.95 -7.60
CA GLN B 13 38.64 13.88 -8.58
C GLN B 13 39.09 12.59 -7.90
N ASN B 14 40.19 12.65 -7.15
CA ASN B 14 40.69 11.47 -6.47
C ASN B 14 39.71 11.00 -5.39
N PHE B 15 39.06 11.94 -4.71
CA PHE B 15 38.11 11.56 -3.68
C PHE B 15 36.98 10.71 -4.27
N ASN B 16 36.38 11.19 -5.37
CA ASN B 16 35.29 10.46 -6.01
C ASN B 16 35.77 9.13 -6.58
N ARG B 17 36.97 9.10 -7.16
CA ARG B 17 37.48 7.85 -7.71
C ARG B 17 37.62 6.79 -6.62
N ILE B 18 38.13 7.18 -5.45
CA ILE B 18 38.29 6.22 -4.36
C ILE B 18 36.92 5.70 -3.92
N ALA B 19 35.95 6.61 -3.77
CA ALA B 19 34.61 6.17 -3.37
C ALA B 19 34.03 5.17 -4.38
N GLY B 20 34.17 5.46 -5.67
CA GLY B 20 33.65 4.56 -6.68
C GLY B 20 34.30 3.19 -6.65
N VAL B 21 35.62 3.15 -6.45
CA VAL B 21 36.31 1.87 -6.39
C VAL B 21 35.81 1.05 -5.21
N PHE B 22 35.63 1.68 -4.05
CA PHE B 22 35.11 0.95 -2.89
C PHE B 22 33.74 0.36 -3.16
N HIS B 23 32.85 1.16 -3.76
CA HIS B 23 31.51 0.66 -4.06
C HIS B 23 31.57 -0.52 -5.03
N LEU B 24 32.42 -0.43 -6.05
CA LEU B 24 32.51 -1.51 -7.03
C LEU B 24 32.99 -2.81 -6.38
N LEU B 25 34.01 -2.73 -5.52
CA LEU B 25 34.51 -3.95 -4.88
C LEU B 25 33.44 -4.58 -4.00
N GLN B 26 32.71 -3.76 -3.23
CA GLN B 26 31.66 -4.33 -2.39
C GLN B 26 30.57 -4.99 -3.22
N MET B 27 30.18 -4.35 -4.34
CA MET B 27 29.17 -4.95 -5.20
C MET B 27 29.63 -6.31 -5.74
N LEU B 28 30.88 -6.39 -6.20
CA LEU B 28 31.37 -7.64 -6.74
C LEU B 28 31.37 -8.74 -5.69
N ALA B 29 31.81 -8.42 -4.47
CA ALA B 29 31.80 -9.43 -3.40
C ALA B 29 30.39 -9.92 -3.12
N VAL B 30 29.43 -8.99 -3.00
CA VAL B 30 28.06 -9.40 -2.69
C VAL B 30 27.48 -10.27 -3.79
N LEU B 31 27.75 -9.92 -5.06
CA LEU B 31 27.28 -10.74 -6.16
C LEU B 31 27.89 -12.14 -6.10
N ALA B 32 29.17 -12.23 -5.74
CA ALA B 32 29.84 -13.52 -5.78
C ALA B 32 29.41 -14.44 -4.63
N LEU B 33 29.04 -13.88 -3.48
CA LEU B 33 28.83 -14.73 -2.30
C LEU B 33 27.38 -15.06 -1.99
N ALA B 34 26.41 -14.30 -2.51
CA ALA B 34 25.03 -14.45 -2.07
C ALA B 34 24.38 -15.73 -2.61
N ASN B 35 23.38 -16.22 -1.88
CA ASN B 35 22.58 -17.37 -2.29
C ASN B 35 21.27 -16.89 -2.92
N ASP B 36 20.34 -17.82 -3.14
CA ASP B 36 19.09 -17.53 -3.83
C ASP B 36 17.98 -17.35 -2.79
N PHE B 37 17.57 -16.09 -2.58
CA PHE B 37 16.49 -15.75 -1.67
C PHE B 37 15.55 -14.79 -2.36
N ALA B 38 14.26 -14.86 -2.01
CA ALA B 38 13.26 -14.08 -2.71
C ALA B 38 12.13 -13.70 -1.78
N LEU B 39 11.51 -12.55 -2.04
CA LEU B 39 10.37 -12.05 -1.28
C LEU B 39 9.23 -11.71 -2.21
N PRO B 40 7.98 -11.91 -1.80
CA PRO B 40 6.87 -11.78 -2.75
C PRO B 40 6.20 -10.42 -2.78
N MET B 41 5.63 -10.07 -3.94
CA MET B 41 4.67 -8.97 -4.08
C MET B 41 3.34 -9.58 -4.51
N THR B 42 2.30 -9.27 -3.74
CA THR B 42 1.00 -9.93 -3.78
C THR B 42 -0.11 -8.94 -4.14
N GLY B 43 -1.36 -9.41 -4.04
CA GLY B 43 -2.53 -8.60 -4.30
C GLY B 43 -3.83 -9.32 -3.99
N THR B 44 -4.77 -8.65 -3.34
CA THR B 44 -6.05 -9.23 -2.92
C THR B 44 -7.17 -8.50 -3.66
N TYR B 45 -7.89 -9.22 -4.52
CA TYR B 45 -8.89 -8.62 -5.39
C TYR B 45 -10.30 -8.89 -4.88
N LEU B 46 -11.25 -8.11 -5.41
CA LEU B 46 -12.65 -8.32 -5.10
C LEU B 46 -13.24 -9.48 -5.90
N ASN B 47 -14.42 -9.91 -5.48
CA ASN B 47 -15.16 -10.96 -6.16
C ASN B 47 -16.64 -10.65 -6.24
N GLY B 48 -16.99 -9.36 -6.32
CA GLY B 48 -18.37 -8.95 -6.36
C GLY B 48 -18.53 -7.44 -6.35
N PRO B 49 -19.55 -6.96 -5.65
CA PRO B 49 -19.76 -5.52 -5.51
C PRO B 49 -18.59 -4.87 -4.78
N PRO B 50 -18.53 -3.53 -4.74
CA PRO B 50 -17.31 -2.88 -4.23
C PRO B 50 -16.91 -3.28 -2.81
N GLY B 51 -17.86 -3.50 -1.91
CA GLY B 51 -17.49 -3.76 -0.53
C GLY B 51 -18.12 -4.99 0.09
N THR B 52 -18.27 -6.07 -0.67
CA THR B 52 -19.01 -7.24 -0.20
C THR B 52 -18.14 -8.48 -0.01
N THR B 53 -17.43 -8.92 -1.04
CA THR B 53 -16.72 -10.20 -0.97
C THR B 53 -15.33 -10.07 -1.59
N PHE B 54 -14.35 -10.66 -0.93
CA PHE B 54 -12.96 -10.66 -1.38
C PHE B 54 -12.54 -12.07 -1.78
N SER B 55 -11.28 -12.20 -2.16
CA SER B 55 -10.69 -13.47 -2.55
C SER B 55 -9.36 -13.68 -1.83
N ALA B 56 -8.87 -14.90 -1.88
CA ALA B 56 -7.60 -15.21 -1.22
C ALA B 56 -6.46 -14.49 -1.92
N PRO B 57 -5.44 -14.06 -1.19
CA PRO B 57 -4.32 -13.35 -1.83
C PRO B 57 -3.52 -14.27 -2.75
N VAL B 58 -2.96 -13.67 -3.80
CA VAL B 58 -2.14 -14.37 -4.77
C VAL B 58 -0.83 -13.61 -4.94
N VAL B 59 0.19 -14.32 -5.41
CA VAL B 59 1.53 -13.76 -5.58
C VAL B 59 1.70 -13.33 -7.03
N ILE B 60 2.02 -12.06 -7.23
CA ILE B 60 2.22 -11.52 -8.57
C ILE B 60 3.69 -11.57 -8.97
N LEU B 61 4.58 -11.06 -8.11
CA LEU B 61 6.00 -10.95 -8.46
C LEU B 61 6.87 -11.47 -7.32
N GLU B 62 8.15 -11.68 -7.61
CA GLU B 62 9.10 -12.10 -6.59
C GLU B 62 10.41 -11.35 -6.78
N THR B 63 10.83 -10.62 -5.75
CA THR B 63 12.08 -9.88 -5.78
C THR B 63 13.22 -10.75 -5.26
N PRO B 64 14.28 -10.97 -6.03
CA PRO B 64 15.52 -11.49 -5.46
C PRO B 64 16.30 -10.39 -4.76
N VAL B 65 17.02 -10.77 -3.71
CA VAL B 65 17.62 -9.78 -2.83
C VAL B 65 19.05 -9.43 -3.23
N GLY B 66 19.85 -10.44 -3.60
CA GLY B 66 21.22 -10.17 -3.99
C GLY B 66 21.33 -9.21 -5.16
N LEU B 67 20.45 -9.37 -6.15
CA LEU B 67 20.46 -8.47 -7.30
C LEU B 67 20.07 -7.05 -6.91
N ALA B 68 19.12 -6.90 -5.99
CA ALA B 68 18.74 -5.56 -5.54
C ALA B 68 19.89 -4.88 -4.81
N VAL B 69 20.60 -5.63 -3.96
CA VAL B 69 21.74 -5.07 -3.24
C VAL B 69 22.83 -4.64 -4.23
N ALA B 70 23.16 -5.54 -5.17
CA ALA B 70 24.13 -5.18 -6.20
C ALA B 70 23.68 -3.98 -7.00
N LEU B 71 22.37 -3.83 -7.20
CA LEU B 71 21.85 -2.69 -7.95
C LEU B 71 22.11 -1.38 -7.23
N PHE B 72 21.75 -1.31 -5.94
CA PHE B 72 21.91 0.00 -5.30
C PHE B 72 23.35 0.25 -4.87
N LEU B 73 24.26 -0.72 -5.02
CA LEU B 73 25.67 -0.35 -4.95
C LEU B 73 26.23 0.08 -6.31
N GLY B 74 25.83 -0.62 -7.38
CA GLY B 74 26.32 -0.30 -8.70
C GLY B 74 25.89 1.07 -9.20
N LEU B 75 24.70 1.53 -8.80
CA LEU B 75 24.28 2.87 -9.20
C LEU B 75 25.27 3.93 -8.71
N SER B 76 25.62 3.88 -7.42
CA SER B 76 26.58 4.83 -6.87
C SER B 76 27.95 4.67 -7.51
N ALA B 77 28.39 3.43 -7.72
CA ALA B 77 29.68 3.24 -8.38
C ALA B 77 29.70 3.91 -9.75
N LEU B 78 28.65 3.69 -10.54
CA LEU B 78 28.59 4.26 -11.88
C LEU B 78 28.60 5.78 -11.84
N PHE B 79 27.80 6.38 -10.94
CA PHE B 79 27.75 7.84 -10.91
C PHE B 79 29.07 8.45 -10.45
N HIS B 80 29.72 7.84 -9.45
CA HIS B 80 31.00 8.38 -8.99
C HIS B 80 32.08 8.23 -10.05
N PHE B 81 31.98 7.21 -10.90
CA PHE B 81 32.92 7.16 -12.03
C PHE B 81 32.56 8.16 -13.12
N ILE B 82 31.27 8.46 -13.33
CA ILE B 82 30.89 9.44 -14.33
C ILE B 82 31.39 10.83 -13.96
N VAL B 83 31.24 11.21 -12.69
CA VAL B 83 31.58 12.59 -12.30
C VAL B 83 33.06 12.89 -12.53
N SER B 84 33.92 11.90 -12.29
CA SER B 84 35.36 12.08 -12.43
C SER B 84 35.84 11.90 -13.87
N SER B 85 34.96 12.08 -14.84
CA SER B 85 35.28 12.03 -16.27
C SER B 85 35.84 13.35 -16.75
N GLY B 86 35.76 13.60 -18.06
CA GLY B 86 36.37 14.76 -18.67
C GLY B 86 35.45 15.96 -18.68
N ASN B 87 34.81 16.27 -19.81
CA ASN B 87 33.94 17.44 -19.89
C ASN B 87 32.88 17.44 -18.79
N PHE B 88 32.46 16.24 -18.36
CA PHE B 88 31.56 16.15 -17.22
C PHE B 88 32.17 16.80 -15.99
N PHE B 89 33.48 16.62 -15.77
CA PHE B 89 34.12 17.28 -14.64
C PHE B 89 34.16 18.79 -14.82
N LYS B 90 34.30 19.28 -16.06
CA LYS B 90 34.26 20.71 -16.29
C LYS B 90 32.92 21.29 -15.88
N ARG B 91 31.83 20.65 -16.32
CA ARG B 91 30.51 21.14 -15.92
C ARG B 91 30.30 20.98 -14.42
N TYR B 92 30.85 19.92 -13.82
CA TYR B 92 30.74 19.70 -12.38
C TYR B 92 31.39 20.84 -11.61
N SER B 93 32.61 21.21 -12.00
CA SER B 93 33.29 22.32 -11.33
C SER B 93 32.56 23.64 -11.55
N ALA B 94 32.08 23.87 -12.78
CA ALA B 94 31.34 25.09 -13.05
C ALA B 94 30.11 25.20 -12.17
N SER B 95 29.38 24.09 -11.98
CA SER B 95 28.20 24.11 -11.14
C SER B 95 28.55 24.25 -9.67
N LEU B 96 29.65 23.64 -9.21
CA LEU B 96 30.07 23.84 -7.83
C LEU B 96 30.43 25.29 -7.56
N MET B 97 30.95 25.99 -8.56
CA MET B 97 31.22 27.41 -8.39
C MET B 97 29.94 28.22 -8.13
N LYS B 98 28.78 27.69 -8.51
CA LYS B 98 27.50 28.38 -8.37
C LYS B 98 26.70 27.89 -7.17
N ASN B 99 27.29 27.05 -6.33
CA ASN B 99 26.65 26.55 -5.11
C ASN B 99 25.46 25.65 -5.40
N GLN B 100 25.62 24.70 -6.33
CA GLN B 100 24.60 23.68 -6.54
C GLN B 100 25.24 22.49 -7.25
N ASN B 101 24.63 21.32 -7.04
CA ASN B 101 25.07 20.06 -7.63
C ASN B 101 23.84 19.27 -8.04
N ILE B 102 23.90 18.65 -9.22
CA ILE B 102 22.76 17.99 -9.83
C ILE B 102 22.94 16.48 -9.88
N PHE B 103 24.16 16.00 -10.09
CA PHE B 103 24.42 14.56 -10.16
C PHE B 103 23.96 13.86 -8.89
N ARG B 104 24.16 14.51 -7.74
CA ARG B 104 23.86 13.89 -6.45
C ARG B 104 22.39 13.56 -6.33
N TRP B 105 21.51 14.47 -6.73
CA TRP B 105 20.08 14.24 -6.55
C TRP B 105 19.58 13.18 -7.54
N VAL B 106 20.14 13.16 -8.75
CA VAL B 106 19.78 12.13 -9.72
C VAL B 106 20.17 10.75 -9.21
N GLU B 107 21.32 10.65 -8.54
CA GLU B 107 21.69 9.38 -7.90
C GLU B 107 20.75 9.02 -6.76
N TYR B 108 20.49 9.98 -5.86
CA TYR B 108 19.77 9.68 -4.64
C TYR B 108 18.32 9.27 -4.93
N SER B 109 17.68 9.91 -5.90
CA SER B 109 16.26 9.67 -6.15
C SER B 109 15.98 8.23 -6.57
N LEU B 110 17.01 7.48 -6.97
CA LEU B 110 16.87 6.05 -7.23
C LEU B 110 17.43 5.19 -6.10
N SER B 111 18.63 5.54 -5.59
CA SER B 111 19.25 4.69 -4.59
C SER B 111 18.43 4.64 -3.31
N SER B 112 18.00 5.81 -2.81
CA SER B 112 17.25 5.83 -1.57
C SER B 112 15.90 5.13 -1.71
N SER B 113 15.28 5.27 -2.88
CA SER B 113 14.00 4.60 -3.11
C SER B 113 14.16 3.08 -3.07
N VAL B 114 15.20 2.55 -3.72
CA VAL B 114 15.43 1.10 -3.66
C VAL B 114 15.68 0.66 -2.22
N MET B 115 16.50 1.43 -1.49
CA MET B 115 16.76 1.10 -0.09
C MET B 115 15.47 1.00 0.71
N ILE B 116 14.63 2.03 0.62
CA ILE B 116 13.43 2.07 1.47
C ILE B 116 12.44 0.98 1.05
N VAL B 117 12.37 0.65 -0.24
CA VAL B 117 11.49 -0.43 -0.67
C VAL B 117 11.95 -1.75 -0.05
N LEU B 118 13.26 -2.02 -0.08
CA LEU B 118 13.76 -3.26 0.51
C LEU B 118 13.51 -3.30 2.02
N ILE B 119 13.75 -2.17 2.70
CA ILE B 119 13.56 -2.15 4.15
C ILE B 119 12.10 -2.39 4.50
N ALA B 120 11.18 -1.78 3.76
CA ALA B 120 9.76 -2.01 4.00
C ALA B 120 9.37 -3.45 3.70
N GLN B 121 9.95 -4.05 2.65
CA GLN B 121 9.60 -5.42 2.30
C GLN B 121 10.06 -6.41 3.36
N ILE B 122 11.21 -6.16 3.98
CA ILE B 122 11.69 -7.09 5.01
C ILE B 122 10.74 -7.11 6.21
N CYS B 123 10.16 -5.95 6.55
CA CYS B 123 9.31 -5.87 7.74
C CYS B 123 7.99 -6.64 7.60
N GLY B 124 7.58 -6.96 6.38
CA GLY B 124 6.36 -7.72 6.19
C GLY B 124 5.27 -7.02 5.40
N ILE B 125 5.66 -6.13 4.49
CA ILE B 125 4.71 -5.46 3.60
C ILE B 125 4.83 -6.09 2.22
N ALA B 126 3.69 -6.47 1.64
CA ALA B 126 3.70 -7.21 0.39
C ALA B 126 2.85 -6.60 -0.72
N ASP B 127 1.93 -5.70 -0.42
CA ASP B 127 1.10 -5.12 -1.47
C ASP B 127 1.95 -4.31 -2.44
N ILE B 128 1.64 -4.41 -3.72
CA ILE B 128 2.43 -3.73 -4.75
C ILE B 128 2.18 -2.22 -4.74
N VAL B 129 0.94 -1.81 -4.49
CA VAL B 129 0.62 -0.38 -4.50
C VAL B 129 1.32 0.33 -3.35
N ALA B 130 1.45 -0.33 -2.20
CA ALA B 130 2.18 0.27 -1.09
C ALA B 130 3.62 0.56 -1.45
N LEU B 131 4.28 -0.41 -2.09
CA LEU B 131 5.68 -0.22 -2.49
C LEU B 131 5.80 0.87 -3.54
N LEU B 132 4.89 0.89 -4.52
CA LEU B 132 4.95 1.93 -5.55
C LEU B 132 4.78 3.33 -4.96
N ALA B 133 3.83 3.48 -4.04
CA ALA B 133 3.60 4.79 -3.44
C ALA B 133 4.74 5.20 -2.51
N ILE B 134 5.37 4.23 -1.84
CA ILE B 134 6.55 4.55 -1.02
C ILE B 134 7.68 5.06 -1.91
N PHE B 135 7.91 4.40 -3.06
CA PHE B 135 8.85 4.89 -4.06
C PHE B 135 8.55 6.34 -4.41
N GLY B 136 7.28 6.63 -4.73
CA GLY B 136 6.91 7.98 -5.11
C GLY B 136 7.18 9.00 -4.02
N VAL B 137 6.85 8.66 -2.77
CA VAL B 137 7.04 9.59 -1.66
C VAL B 137 8.52 9.92 -1.46
N ASN B 138 9.38 8.89 -1.50
CA ASN B 138 10.81 9.14 -1.32
C ASN B 138 11.38 10.01 -2.45
N ALA B 139 10.98 9.72 -3.69
CA ALA B 139 11.43 10.55 -4.80
C ALA B 139 10.97 12.00 -4.63
N SER B 140 9.74 12.19 -4.14
CA SER B 140 9.24 13.54 -3.90
C SER B 140 10.08 14.28 -2.87
N MET B 141 10.49 13.59 -1.81
CA MET B 141 11.33 14.24 -0.80
C MET B 141 12.65 14.71 -1.42
N ILE B 142 13.28 13.85 -2.22
CA ILE B 142 14.56 14.24 -2.83
C ILE B 142 14.37 15.43 -3.76
N LEU B 143 13.28 15.44 -4.54
CA LEU B 143 13.04 16.56 -5.44
C LEU B 143 12.81 17.86 -4.67
N PHE B 144 12.15 17.79 -3.52
CA PHE B 144 12.00 18.97 -2.68
C PHE B 144 13.36 19.50 -2.24
N GLY B 145 14.27 18.61 -1.86
CA GLY B 145 15.62 19.06 -1.54
C GLY B 145 16.30 19.75 -2.71
N TRP B 146 16.12 19.21 -3.91
CA TRP B 146 16.68 19.83 -5.12
C TRP B 146 16.15 21.26 -5.29
N LEU B 147 14.83 21.43 -5.15
CA LEU B 147 14.24 22.76 -5.33
C LEU B 147 14.76 23.74 -4.27
N GLN B 148 14.89 23.28 -3.03
CA GLN B 148 15.43 24.14 -1.98
C GLN B 148 16.83 24.60 -2.32
N GLU B 149 17.67 23.71 -2.83
CA GLU B 149 19.03 24.11 -3.17
C GLU B 149 19.05 25.06 -4.37
N LYS B 150 18.12 24.86 -5.32
CA LYS B 150 18.16 25.67 -6.54
C LYS B 150 17.67 27.09 -6.32
N TYR B 151 16.58 27.28 -5.57
CA TYR B 151 15.87 28.56 -5.60
C TYR B 151 16.22 29.52 -4.47
N THR B 152 17.00 29.11 -3.48
CA THR B 152 17.30 29.98 -2.34
C THR B 152 18.81 30.17 -2.18
N GLN B 153 19.18 30.97 -1.19
CA GLN B 153 20.55 31.41 -0.95
C GLN B 153 20.89 31.24 0.52
N PRO B 154 22.13 30.88 0.84
CA PRO B 154 22.51 30.72 2.26
C PRO B 154 22.45 32.03 3.02
N LYS B 155 22.14 31.91 4.31
CA LYS B 155 22.11 32.98 5.30
C LYS B 155 20.99 33.98 5.10
N ASP B 156 20.05 33.75 4.18
CA ASP B 156 18.94 34.67 3.99
C ASP B 156 17.71 34.31 4.82
N GLY B 157 17.71 33.15 5.48
CA GLY B 157 16.64 32.80 6.40
C GLY B 157 15.42 32.17 5.80
N ASP B 158 15.45 31.77 4.53
CA ASP B 158 14.31 31.14 3.87
C ASP B 158 14.54 29.63 3.83
N LEU B 159 13.63 28.87 4.45
CA LEU B 159 13.78 27.43 4.60
C LEU B 159 12.47 26.72 4.36
N LEU B 160 11.69 27.14 3.36
CA LEU B 160 10.38 26.54 3.17
C LEU B 160 10.43 25.18 2.49
N PRO B 161 11.14 25.01 1.36
CA PRO B 161 11.20 23.68 0.75
C PRO B 161 11.86 22.64 1.64
N PHE B 162 12.77 23.05 2.54
CA PHE B 162 13.33 22.11 3.51
C PHE B 162 12.25 21.56 4.42
N TRP B 163 11.38 22.44 4.92
CA TRP B 163 10.28 21.97 5.77
C TRP B 163 9.31 21.10 4.98
N PHE B 164 9.06 21.45 3.72
CA PHE B 164 8.19 20.61 2.89
C PHE B 164 8.78 19.22 2.71
N GLY B 165 10.08 19.14 2.45
CA GLY B 165 10.73 17.84 2.31
C GLY B 165 10.72 17.05 3.60
N CYS B 166 10.85 17.73 4.74
CA CYS B 166 10.73 17.04 6.02
C CYS B 166 9.33 16.49 6.21
N ILE B 167 8.31 17.25 5.83
CA ILE B 167 6.93 16.77 5.94
C ILE B 167 6.70 15.55 5.06
N ALA B 168 7.22 15.59 3.83
CA ALA B 168 6.92 14.53 2.87
C ALA B 168 7.83 13.31 3.00
N GLY B 169 8.70 13.25 4.00
CA GLY B 169 9.60 12.14 4.19
C GLY B 169 9.38 11.31 5.43
N ILE B 170 8.27 11.48 6.13
CA ILE B 170 8.00 10.78 7.39
C ILE B 170 6.93 9.72 7.26
N VAL B 171 6.25 9.64 6.12
CA VAL B 171 5.16 8.68 5.91
C VAL B 171 5.66 7.23 5.94
N PRO B 172 6.71 6.85 5.19
CA PRO B 172 7.14 5.44 5.23
C PRO B 172 7.50 4.95 6.61
N TRP B 173 8.08 5.82 7.45
CA TRP B 173 8.44 5.39 8.80
C TRP B 173 7.22 5.23 9.68
N ILE B 174 6.17 6.01 9.44
CA ILE B 174 4.90 5.77 10.14
C ILE B 174 4.33 4.41 9.75
N GLY B 175 4.38 4.07 8.45
CA GLY B 175 3.93 2.75 8.05
C GLY B 175 4.73 1.62 8.66
N LEU B 176 6.06 1.77 8.69
CA LEU B 176 6.91 0.78 9.33
C LEU B 176 6.57 0.63 10.81
N LEU B 177 6.34 1.76 11.50
CA LEU B 177 5.95 1.69 12.90
C LEU B 177 4.63 0.96 13.07
N ILE B 178 3.67 1.19 12.18
CA ILE B 178 2.38 0.51 12.31
C ILE B 178 2.53 -0.99 12.16
N TYR B 179 3.28 -1.45 11.15
CA TYR B 179 3.50 -2.89 11.01
C TYR B 179 4.43 -3.47 12.06
N VAL B 180 5.21 -2.66 12.77
CA VAL B 180 5.99 -3.22 13.87
C VAL B 180 5.14 -3.37 15.13
N ILE B 181 4.30 -2.38 15.43
CA ILE B 181 3.41 -2.50 16.59
C ILE B 181 2.37 -3.60 16.36
N ALA B 182 1.87 -3.72 15.14
CA ALA B 182 0.92 -4.76 14.73
C ALA B 182 -0.37 -4.73 15.54
N PRO B 183 -1.22 -3.74 15.36
CA PRO B 183 -2.49 -3.70 16.11
C PRO B 183 -3.53 -4.63 15.50
N GLY B 184 -4.25 -5.32 16.37
CA GLY B 184 -5.34 -6.18 15.95
C GLY B 184 -4.96 -7.57 15.51
N SER B 185 -3.70 -7.98 15.67
CA SER B 185 -3.28 -9.28 15.19
C SER B 185 -3.58 -10.36 16.22
N THR B 186 -3.57 -11.61 15.76
CA THR B 186 -3.74 -12.80 16.60
C THR B 186 -2.54 -13.71 16.33
N SER B 187 -1.45 -13.49 17.07
CA SER B 187 -0.23 -14.24 16.86
C SER B 187 0.58 -14.27 18.13
N ASP B 188 1.57 -15.17 18.16
CA ASP B 188 2.42 -15.33 19.33
C ASP B 188 3.89 -15.50 18.96
N VAL B 189 4.32 -14.95 17.82
CA VAL B 189 5.70 -15.04 17.35
C VAL B 189 6.28 -13.64 17.32
N ALA B 190 7.41 -13.46 18.01
CA ALA B 190 8.01 -12.15 18.16
C ALA B 190 8.96 -11.83 17.00
N VAL B 191 9.18 -10.54 16.79
CA VAL B 191 10.07 -10.06 15.72
C VAL B 191 11.51 -10.36 16.09
N PRO B 192 12.37 -10.75 15.13
CA PRO B 192 13.78 -10.97 15.45
C PRO B 192 14.51 -9.68 15.77
N GLY B 193 15.82 -9.76 16.02
CA GLY B 193 16.60 -8.60 16.45
C GLY B 193 17.21 -7.78 15.33
N PHE B 194 17.68 -8.45 14.28
CA PHE B 194 18.30 -7.71 13.19
C PHE B 194 17.32 -6.76 12.50
N VAL B 195 16.02 -7.04 12.58
CA VAL B 195 15.03 -6.11 12.07
C VAL B 195 15.09 -4.79 12.85
N TYR B 196 15.14 -4.88 14.18
CA TYR B 196 15.25 -3.68 15.00
C TYR B 196 16.56 -2.96 14.72
N GLY B 197 17.65 -3.70 14.58
CA GLY B 197 18.93 -3.07 14.27
C GLY B 197 18.87 -2.29 12.97
N ILE B 198 18.32 -2.89 11.92
CA ILE B 198 18.23 -2.24 10.62
C ILE B 198 17.40 -0.96 10.72
N ILE B 199 16.23 -1.07 11.36
CA ILE B 199 15.32 0.08 11.43
C ILE B 199 16.00 1.25 12.14
N ILE B 200 16.57 0.98 13.32
CA ILE B 200 17.15 2.06 14.12
C ILE B 200 18.34 2.70 13.41
N SER B 201 19.24 1.87 12.87
CA SER B 201 20.42 2.40 12.21
C SER B 201 20.04 3.28 11.02
N LEU B 202 19.11 2.81 10.18
CA LEU B 202 18.78 3.59 9.00
C LEU B 202 18.03 4.86 9.35
N PHE B 203 17.20 4.84 10.40
CA PHE B 203 16.57 6.08 10.84
C PHE B 203 17.62 7.10 11.26
N LEU B 204 18.63 6.66 12.01
CA LEU B 204 19.67 7.58 12.44
C LEU B 204 20.43 8.16 11.24
N PHE B 205 20.72 7.33 10.23
CA PHE B 205 21.44 7.83 9.06
C PHE B 205 20.62 8.86 8.29
N PHE B 206 19.30 8.62 8.13
CA PHE B 206 18.47 9.59 7.43
C PHE B 206 18.42 10.92 8.19
N ASN B 207 18.31 10.86 9.52
CA ASN B 207 18.37 12.08 10.32
C ASN B 207 19.69 12.81 10.12
N SER B 208 20.78 12.06 9.99
CA SER B 208 22.09 12.67 9.75
C SER B 208 22.11 13.45 8.44
N PHE B 209 21.56 12.85 7.38
CA PHE B 209 21.52 13.56 6.09
C PHE B 209 20.74 14.87 6.19
N ALA B 210 19.56 14.81 6.82
CA ALA B 210 18.75 16.02 6.96
C ALA B 210 19.49 17.09 7.77
N LEU B 211 20.16 16.68 8.84
CA LEU B 211 20.89 17.62 9.68
C LEU B 211 22.03 18.28 8.90
N VAL B 212 22.73 17.51 8.05
CA VAL B 212 23.80 18.11 7.26
C VAL B 212 23.25 19.17 6.33
N GLN B 213 22.12 18.89 5.68
CA GLN B 213 21.50 19.91 4.82
C GLN B 213 21.19 21.19 5.61
N TYR B 214 20.55 21.02 6.77
CA TYR B 214 20.15 22.19 7.56
C TYR B 214 21.36 23.00 8.00
N LEU B 215 22.41 22.32 8.49
CA LEU B 215 23.59 23.05 8.94
C LEU B 215 24.31 23.73 7.79
N GLN B 216 24.30 23.13 6.60
CA GLN B 216 24.93 23.76 5.45
C GLN B 216 24.21 25.05 5.08
N TYR B 217 22.88 25.04 5.10
CA TYR B 217 22.15 26.24 4.69
C TYR B 217 21.85 27.21 5.83
N LYS B 218 22.21 26.89 7.08
CA LYS B 218 22.10 27.89 8.14
C LYS B 218 23.19 28.95 8.03
N GLY B 219 24.41 28.54 7.72
CA GLY B 219 25.49 29.48 7.49
C GLY B 219 26.14 30.01 8.75
N LYS B 220 26.78 29.13 9.51
CA LYS B 220 27.52 29.54 10.70
C LYS B 220 28.88 30.09 10.31
N GLY B 221 29.72 30.31 11.32
CA GLY B 221 31.06 30.84 11.06
C GLY B 221 32.00 29.82 10.49
N LYS B 222 31.72 28.53 10.68
CA LYS B 222 32.58 27.47 10.20
C LYS B 222 32.04 26.80 8.93
N TRP B 223 30.73 26.65 8.83
CA TRP B 223 30.10 25.95 7.72
C TRP B 223 29.85 26.85 6.52
N SER B 224 30.47 28.03 6.48
CA SER B 224 30.27 28.95 5.36
C SER B 224 30.90 28.44 4.08
N ASN B 225 31.71 27.38 4.16
CA ASN B 225 32.33 26.80 2.97
C ASN B 225 31.48 25.63 2.48
N TYR B 226 31.22 25.59 1.18
CA TYR B 226 30.32 24.58 0.61
C TYR B 226 31.00 23.22 0.52
N LEU B 227 32.33 23.21 0.40
CA LEU B 227 33.04 21.95 0.17
C LEU B 227 32.99 21.05 1.39
N ARG B 228 32.86 21.62 2.59
CA ARG B 228 32.67 20.80 3.78
C ARG B 228 31.40 19.97 3.66
N GLY B 229 30.31 20.61 3.25
CA GLY B 229 29.06 19.89 3.05
C GLY B 229 29.15 18.88 1.94
N GLU B 230 29.89 19.21 0.86
CA GLU B 230 30.06 18.24 -0.21
C GLU B 230 30.77 16.99 0.27
N ARG B 231 31.86 17.17 1.04
CA ARG B 231 32.59 16.03 1.58
C ARG B 231 31.74 15.22 2.54
N ALA B 232 30.94 15.90 3.36
CA ALA B 232 30.05 15.18 4.28
C ALA B 232 29.04 14.33 3.51
N TYR B 233 28.46 14.88 2.44
CA TYR B 233 27.52 14.12 1.64
C TYR B 233 28.17 12.92 0.96
N ILE B 234 29.43 13.02 0.55
CA ILE B 234 30.10 11.84 -0.01
C ILE B 234 30.35 10.78 1.05
N VAL B 235 30.83 11.19 2.23
CA VAL B 235 31.21 10.22 3.26
C VAL B 235 29.98 9.49 3.81
N LEU B 236 28.91 10.23 4.09
CA LEU B 236 27.71 9.60 4.64
C LEU B 236 27.11 8.60 3.65
N SER B 237 27.10 8.96 2.36
CA SER B 237 26.65 8.03 1.34
C SER B 237 27.52 6.79 1.26
N LEU B 238 28.84 6.94 1.37
CA LEU B 238 29.72 5.78 1.38
C LEU B 238 29.51 4.87 2.58
N VAL B 239 29.10 5.46 3.72
CA VAL B 239 28.91 4.66 4.97
C VAL B 239 27.54 3.98 4.98
N ALA B 240 26.48 4.73 4.68
CA ALA B 240 25.09 4.20 4.69
C ALA B 240 24.96 2.91 3.86
N LYS B 241 25.39 2.95 2.60
CA LYS B 241 25.26 1.81 1.70
C LYS B 241 25.91 0.57 2.28
N SER B 242 27.12 0.73 2.82
CA SER B 242 27.90 -0.40 3.40
C SER B 242 27.25 -0.87 4.72
N ALA B 243 26.68 0.05 5.50
CA ALA B 243 26.05 -0.30 6.79
C ALA B 243 24.79 -1.15 6.57
N LEU B 244 24.07 -0.90 5.48
CA LEU B 244 22.84 -1.63 5.16
C LEU B 244 23.08 -2.92 4.39
N ALA B 245 24.01 -2.94 3.44
CA ALA B 245 24.18 -4.10 2.58
C ALA B 245 24.76 -5.30 3.31
N TRP B 246 25.47 -5.10 4.42
CA TRP B 246 26.09 -6.20 5.15
C TRP B 246 25.29 -6.60 6.39
N GLN B 247 24.17 -5.95 6.65
CA GLN B 247 23.23 -6.41 7.67
C GLN B 247 22.15 -7.32 7.10
N ILE B 248 21.72 -7.07 5.87
CA ILE B 248 20.83 -7.99 5.18
C ILE B 248 21.56 -9.31 4.88
N PHE B 249 22.79 -9.22 4.40
CA PHE B 249 23.53 -10.41 4.00
C PHE B 249 23.75 -11.36 5.17
N SER B 250 24.10 -10.83 6.34
CA SER B 250 24.33 -11.65 7.52
C SER B 250 23.02 -11.77 8.28
N GLY B 251 22.29 -12.84 8.02
CA GLY B 251 21.02 -13.06 8.68
C GLY B 251 19.94 -13.57 7.75
N THR B 252 20.04 -13.23 6.47
CA THR B 252 19.08 -13.67 5.48
C THR B 252 19.71 -14.48 4.36
N LEU B 253 20.83 -14.02 3.80
CA LEU B 253 21.41 -14.62 2.61
C LEU B 253 22.56 -15.59 2.91
N ILE B 254 22.92 -15.76 4.18
CA ILE B 254 24.18 -16.45 4.51
C ILE B 254 24.16 -17.97 4.54
N PRO B 255 23.03 -18.67 4.88
CA PRO B 255 23.18 -20.12 5.12
C PRO B 255 23.26 -20.95 3.85
N ALA B 256 24.18 -20.61 2.96
CA ALA B 256 24.41 -21.37 1.74
C ALA B 256 25.71 -20.94 1.07
N MET C 1 -3.91 -21.98 15.50
CA MET C 1 -2.89 -23.01 15.53
C MET C 1 -2.62 -23.57 14.14
N VAL C 2 -1.36 -23.87 13.87
CA VAL C 2 -0.93 -24.42 12.58
C VAL C 2 -0.66 -25.90 12.76
N GLN C 3 -1.34 -26.72 11.95
CA GLN C 3 -1.21 -28.17 12.01
C GLN C 3 -0.87 -28.71 10.64
N LEU C 4 0.23 -29.44 10.53
CA LEU C 4 0.65 -30.05 9.28
C LEU C 4 0.56 -31.56 9.43
N VAL C 5 -0.19 -32.21 8.54
CA VAL C 5 -0.41 -33.65 8.61
C VAL C 5 -0.01 -34.27 7.28
N GLU C 6 0.94 -35.20 7.31
CA GLU C 6 1.40 -35.83 6.09
C GLU C 6 1.18 -37.34 6.14
N SER C 7 1.03 -37.92 4.94
CA SER C 7 0.76 -39.33 4.79
C SER C 7 1.35 -39.86 3.49
N GLY C 8 1.50 -41.17 3.43
CA GLY C 8 2.27 -41.87 2.42
C GLY C 8 3.23 -42.90 2.97
N GLY C 9 4.38 -43.02 2.31
CA GLY C 9 5.49 -43.79 2.85
C GLY C 9 5.19 -45.27 2.93
N GLY C 10 6.10 -45.99 3.59
CA GLY C 10 6.00 -47.42 3.72
C GLY C 10 7.26 -48.08 3.21
N LEU C 11 7.15 -49.37 2.90
CA LEU C 11 8.28 -50.19 2.45
C LEU C 11 8.11 -50.51 0.98
N VAL C 12 9.19 -50.35 0.21
CA VAL C 12 9.18 -50.62 -1.22
C VAL C 12 10.49 -51.31 -1.60
N GLN C 13 10.63 -51.62 -2.88
CA GLN C 13 11.83 -52.23 -3.41
C GLN C 13 12.79 -51.15 -3.90
N ALA C 14 13.87 -51.57 -4.58
CA ALA C 14 14.88 -50.61 -5.02
C ALA C 14 14.37 -49.72 -6.15
N GLY C 15 13.66 -50.29 -7.11
CA GLY C 15 13.19 -49.57 -8.27
C GLY C 15 11.82 -48.94 -8.15
N GLY C 16 11.24 -48.91 -6.94
CA GLY C 16 9.89 -48.40 -6.77
C GLY C 16 9.83 -46.89 -6.81
N SER C 17 8.61 -46.38 -6.60
CA SER C 17 8.36 -44.95 -6.60
C SER C 17 7.24 -44.65 -5.61
N LEU C 18 7.28 -43.45 -5.04
CA LEU C 18 6.33 -43.08 -4.00
C LEU C 18 5.81 -41.67 -4.23
N ARG C 19 4.70 -41.36 -3.56
CA ARG C 19 4.05 -40.06 -3.62
C ARG C 19 3.60 -39.70 -2.21
N LEU C 20 4.37 -38.86 -1.53
CA LEU C 20 4.01 -38.41 -0.18
C LEU C 20 3.18 -37.13 -0.29
N SER C 21 2.22 -36.97 0.62
CA SER C 21 1.34 -35.81 0.61
C SER C 21 1.34 -35.15 1.98
N CYS C 22 1.22 -33.82 1.99
CA CYS C 22 1.17 -33.05 3.21
C CYS C 22 0.03 -32.04 3.10
N ALA C 23 -0.79 -31.97 4.14
CA ALA C 23 -1.95 -31.08 4.20
C ALA C 23 -1.76 -30.07 5.32
N ALA C 24 -2.10 -28.81 5.03
CA ALA C 24 -1.84 -27.68 5.90
C ALA C 24 -3.13 -27.22 6.59
N SER C 25 -3.04 -26.14 7.35
CA SER C 25 -4.06 -25.71 8.30
C SER C 25 -4.10 -24.19 8.28
N GLY C 26 -4.67 -23.59 9.32
CA GLY C 26 -5.12 -22.22 9.29
C GLY C 26 -3.96 -21.26 9.21
N MET C 27 -3.45 -21.10 7.99
CA MET C 27 -2.53 -20.03 7.61
C MET C 27 -2.88 -19.54 6.21
N ALA C 28 -2.07 -18.66 5.63
CA ALA C 28 -2.28 -18.20 4.26
C ALA C 28 -1.43 -19.10 3.36
N PHE C 29 -2.06 -20.11 2.78
CA PHE C 29 -1.30 -21.14 2.07
C PHE C 29 -0.81 -20.67 0.72
N SER C 30 -1.44 -19.66 0.13
CA SER C 30 -1.07 -19.23 -1.21
C SER C 30 0.14 -18.31 -1.23
N ILE C 31 0.65 -17.91 -0.06
CA ILE C 31 1.82 -17.04 0.03
C ILE C 31 2.98 -17.72 0.73
N SER C 32 2.70 -18.50 1.77
CA SER C 32 3.75 -19.05 2.62
C SER C 32 4.57 -20.10 1.87
N ARG C 33 5.76 -20.36 2.40
CA ARG C 33 6.73 -21.26 1.79
C ARG C 33 6.81 -22.56 2.57
N MET C 34 6.77 -23.67 1.88
CA MET C 34 6.72 -25.01 2.46
C MET C 34 8.01 -25.77 2.13
N GLU C 35 8.38 -26.68 3.02
CA GLU C 35 9.64 -27.41 2.89
C GLU C 35 9.46 -28.88 3.26
N TRP C 36 10.37 -29.71 2.77
CA TRP C 36 10.41 -31.14 3.10
C TRP C 36 11.78 -31.47 3.67
N HIS C 37 11.82 -32.09 4.83
CA HIS C 37 13.07 -32.43 5.50
C HIS C 37 13.16 -33.94 5.71
N ARG C 38 14.40 -34.43 5.76
CA ARG C 38 14.67 -35.86 5.90
C ARG C 38 15.66 -36.08 7.04
N GLN C 39 15.36 -37.08 7.88
CA GLN C 39 16.28 -37.48 8.93
C GLN C 39 16.54 -38.97 8.83
N ALA C 40 17.80 -39.35 8.73
CA ALA C 40 18.18 -40.75 8.77
C ALA C 40 18.38 -41.25 10.18
N PRO C 41 18.14 -42.54 10.45
CA PRO C 41 18.32 -43.06 11.82
C PRO C 41 19.81 -43.15 12.07
N GLY C 42 20.38 -42.06 12.58
CA GLY C 42 21.76 -42.03 12.97
C GLY C 42 22.51 -40.79 12.52
N ASN C 43 21.83 -39.91 11.79
CA ASN C 43 22.40 -38.66 11.32
C ASN C 43 21.61 -37.49 11.89
N GLU C 44 22.04 -36.27 11.57
CA GLU C 44 21.43 -35.09 12.18
C GLU C 44 20.15 -34.68 11.47
N ARG C 45 20.27 -34.23 10.22
CA ARG C 45 19.13 -33.77 9.42
C ARG C 45 19.68 -33.35 8.06
N GLU C 46 18.77 -33.11 7.12
CA GLU C 46 19.14 -32.67 5.78
C GLU C 46 18.05 -31.73 5.26
N LEU C 47 18.13 -31.41 3.97
CA LEU C 47 17.10 -30.65 3.26
C LEU C 47 16.83 -31.34 1.94
N VAL C 48 15.57 -31.35 1.52
CA VAL C 48 15.13 -32.09 0.34
C VAL C 48 14.58 -31.14 -0.74
N ALA C 49 13.66 -30.26 -0.38
CA ALA C 49 13.05 -29.41 -1.39
C ALA C 49 12.44 -28.18 -0.76
N ARG C 50 12.24 -27.15 -1.59
CA ARG C 50 11.53 -25.94 -1.21
C ARG C 50 10.70 -25.49 -2.41
N ILE C 51 9.62 -24.77 -2.14
CA ILE C 51 8.65 -24.47 -3.20
C ILE C 51 8.30 -22.98 -3.24
N THR C 52 8.77 -22.23 -2.25
CA THR C 52 8.77 -20.76 -2.21
C THR C 52 7.40 -20.12 -2.50
N GLY C 53 6.33 -20.90 -2.51
CA GLY C 53 4.99 -20.36 -2.64
C GLY C 53 4.66 -19.63 -3.93
N GLY C 54 5.61 -19.56 -4.86
CA GLY C 54 5.39 -18.84 -6.09
C GLY C 54 5.64 -19.69 -7.31
N GLY C 55 6.38 -20.78 -7.15
CA GLY C 55 6.67 -21.65 -8.27
C GLY C 55 8.10 -22.15 -8.33
N ARG C 56 9.05 -21.34 -7.86
CA ARG C 56 10.45 -21.72 -7.95
C ARG C 56 10.75 -22.90 -7.03
N THR C 57 11.77 -23.67 -7.41
CA THR C 57 12.07 -24.92 -6.74
C THR C 57 13.58 -25.07 -6.60
N THR C 58 14.02 -25.43 -5.40
CA THR C 58 15.43 -25.71 -5.12
C THR C 58 15.53 -27.04 -4.40
N TYR C 59 16.65 -27.74 -4.60
CA TYR C 59 16.86 -29.06 -4.05
C TYR C 59 18.12 -29.07 -3.19
N GLY C 60 18.49 -30.26 -2.72
CA GLY C 60 19.58 -30.44 -1.80
C GLY C 60 20.88 -30.95 -2.38
N ASP C 61 21.03 -30.94 -3.71
CA ASP C 61 22.25 -31.31 -4.44
C ASP C 61 22.60 -32.79 -4.32
N SER C 62 21.82 -33.58 -3.57
CA SER C 62 22.04 -35.01 -3.48
C SER C 62 20.87 -35.82 -4.04
N VAL C 63 19.77 -35.18 -4.37
CA VAL C 63 18.59 -35.85 -4.92
C VAL C 63 18.17 -35.23 -6.24
N LYS C 64 19.05 -34.44 -6.86
CA LYS C 64 18.73 -33.80 -8.13
C LYS C 64 18.52 -34.83 -9.22
N GLY C 65 17.49 -34.62 -10.04
CA GLY C 65 17.17 -35.53 -11.11
C GLY C 65 16.37 -36.74 -10.70
N ARG C 66 15.96 -36.84 -9.44
CA ARG C 66 15.20 -37.98 -8.97
C ARG C 66 13.90 -37.59 -8.28
N PHE C 67 13.89 -36.49 -7.55
CA PHE C 67 12.72 -36.06 -6.78
C PHE C 67 12.02 -34.92 -7.49
N THR C 68 10.74 -34.72 -7.14
CA THR C 68 9.98 -33.61 -7.71
C THR C 68 8.92 -33.15 -6.71
N ILE C 69 8.96 -31.88 -6.36
CA ILE C 69 8.03 -31.30 -5.41
C ILE C 69 7.05 -30.40 -6.15
N SER C 70 5.78 -30.48 -5.78
CA SER C 70 4.77 -29.62 -6.39
C SER C 70 3.75 -29.24 -5.31
N ARG C 71 3.00 -28.17 -5.58
CA ARG C 71 2.00 -27.71 -4.64
C ARG C 71 0.67 -27.52 -5.37
N ASP C 72 -0.40 -27.57 -4.60
CA ASP C 72 -1.76 -27.41 -5.12
C ASP C 72 -2.51 -26.49 -4.17
N ASN C 73 -2.80 -25.28 -4.66
CA ASN C 73 -3.63 -24.32 -3.95
C ASN C 73 -5.09 -24.78 -4.00
N ALA C 74 -5.97 -24.00 -3.39
CA ALA C 74 -7.42 -24.21 -3.32
C ALA C 74 -7.75 -25.56 -2.69
N LYS C 75 -6.76 -26.34 -2.30
CA LYS C 75 -6.92 -27.52 -1.47
C LYS C 75 -5.84 -27.65 -0.41
N SER C 76 -4.82 -26.79 -0.43
CA SER C 76 -3.75 -26.79 0.56
C SER C 76 -2.92 -28.07 0.61
N MET C 77 -2.39 -28.47 -0.55
CA MET C 77 -1.71 -29.75 -0.66
C MET C 77 -0.27 -29.54 -1.11
N VAL C 78 0.65 -30.31 -0.55
CA VAL C 78 2.04 -30.35 -0.99
C VAL C 78 2.40 -31.79 -1.31
N TYR C 79 2.81 -32.04 -2.55
CA TYR C 79 3.09 -33.39 -3.03
C TYR C 79 4.57 -33.55 -3.31
N LEU C 80 5.13 -34.68 -2.88
CA LEU C 80 6.51 -35.03 -3.18
C LEU C 80 6.53 -36.36 -3.92
N GLN C 81 7.03 -36.36 -5.15
CA GLN C 81 7.13 -37.55 -5.98
C GLN C 81 8.58 -38.03 -5.98
N MET C 82 8.77 -39.28 -5.55
CA MET C 82 10.07 -39.91 -5.47
C MET C 82 10.14 -41.01 -6.52
N ASN C 83 11.13 -40.94 -7.40
CA ASN C 83 11.30 -41.89 -8.50
C ASN C 83 12.73 -42.40 -8.51
N SER C 84 12.90 -43.66 -8.92
CA SER C 84 14.21 -44.30 -9.03
C SER C 84 14.96 -44.27 -7.69
N LEU C 85 14.39 -44.95 -6.70
CA LEU C 85 14.94 -44.92 -5.36
C LEU C 85 16.23 -45.72 -5.28
N LYS C 86 16.96 -45.50 -4.18
CA LYS C 86 18.22 -46.17 -3.91
C LYS C 86 18.17 -46.76 -2.49
N PRO C 87 18.95 -47.82 -2.23
CA PRO C 87 18.89 -48.45 -0.92
C PRO C 87 19.65 -47.70 0.16
N GLU C 88 19.49 -46.38 0.21
CA GLU C 88 20.04 -45.58 1.30
C GLU C 88 19.06 -44.55 1.83
N ASP C 89 17.86 -44.44 1.26
CA ASP C 89 16.90 -43.42 1.61
C ASP C 89 15.99 -43.85 2.75
N THR C 90 16.33 -44.93 3.45
CA THR C 90 15.59 -45.36 4.62
C THR C 90 15.64 -44.18 5.57
N ALA C 91 14.49 -43.60 5.91
CA ALA C 91 14.55 -42.42 6.76
C ALA C 91 13.14 -42.04 7.22
N VAL C 92 13.07 -40.89 7.90
CA VAL C 92 11.82 -40.31 8.37
C VAL C 92 11.70 -38.92 7.75
N TYR C 93 10.56 -38.64 7.14
CA TYR C 93 10.35 -37.40 6.41
C TYR C 93 9.39 -36.50 7.18
N TYR C 94 9.66 -35.19 7.15
CA TYR C 94 8.92 -34.19 7.88
C TYR C 94 8.46 -33.09 6.93
N CYS C 95 7.26 -32.58 7.17
CA CYS C 95 6.73 -31.44 6.44
C CYS C 95 6.94 -30.19 7.27
N ASN C 96 7.46 -29.13 6.65
CA ASN C 96 8.00 -28.02 7.41
C ASN C 96 7.52 -26.69 6.84
N THR C 97 7.53 -25.68 7.71
CA THR C 97 7.23 -24.29 7.40
C THR C 97 8.06 -23.45 8.37
N GLY C 98 7.63 -22.22 8.64
CA GLY C 98 8.42 -21.35 9.49
C GLY C 98 8.42 -21.86 10.92
N TYR C 99 9.19 -22.93 11.13
CA TYR C 99 9.25 -23.68 12.39
C TYR C 99 7.92 -24.03 13.05
N PHE C 100 7.07 -24.67 12.23
CA PHE C 100 5.87 -25.35 12.71
C PHE C 100 5.96 -26.75 12.13
N TRP C 101 6.58 -27.67 12.87
CA TRP C 101 6.90 -28.99 12.34
C TRP C 101 5.68 -29.92 12.44
N GLY C 102 5.86 -31.12 11.88
CA GLY C 102 4.82 -32.13 11.92
C GLY C 102 5.40 -33.49 12.23
N GLN C 103 4.51 -34.44 12.53
CA GLN C 103 4.92 -35.79 12.90
C GLN C 103 5.26 -36.58 11.63
N GLY C 104 6.52 -36.92 11.48
CA GLY C 104 7.02 -37.45 10.22
C GLY C 104 6.52 -38.84 9.89
N THR C 105 6.91 -39.31 8.71
CA THR C 105 6.51 -40.62 8.20
C THR C 105 7.74 -41.42 7.79
N GLN C 106 7.58 -42.74 7.77
CA GLN C 106 8.70 -43.66 7.57
C GLN C 106 8.76 -44.12 6.13
N VAL C 107 9.96 -44.10 5.54
CA VAL C 107 10.20 -44.62 4.20
C VAL C 107 11.31 -45.65 4.28
N THR C 108 11.05 -46.84 3.73
CA THR C 108 11.98 -47.96 3.76
C THR C 108 12.18 -48.53 2.36
N VAL C 109 13.44 -48.72 1.98
CA VAL C 109 13.81 -49.28 0.69
C VAL C 109 14.59 -50.55 0.93
N SER C 110 14.14 -51.66 0.35
CA SER C 110 14.80 -52.95 0.50
C SER C 110 15.87 -53.10 -0.57
N SER C 111 16.49 -54.27 -0.62
CA SER C 111 17.53 -54.54 -1.61
C SER C 111 16.93 -54.85 -2.97
N MET D 1 -14.38 -21.97 -6.47
CA MET D 1 -15.83 -21.94 -6.30
C MET D 1 -16.21 -21.64 -4.87
N VAL D 2 -17.28 -20.87 -4.68
CA VAL D 2 -17.78 -20.49 -3.37
C VAL D 2 -19.02 -21.31 -3.07
N GLN D 3 -18.99 -22.04 -1.95
CA GLN D 3 -20.09 -22.90 -1.55
C GLN D 3 -20.51 -22.54 -0.12
N LEU D 4 -21.78 -22.22 0.05
CA LEU D 4 -22.33 -21.90 1.36
C LEU D 4 -23.34 -22.97 1.75
N VAL D 5 -23.13 -23.60 2.90
CA VAL D 5 -23.98 -24.71 3.34
C VAL D 5 -24.51 -24.38 4.73
N GLU D 6 -25.82 -24.34 4.88
CA GLU D 6 -26.43 -24.00 6.16
C GLU D 6 -27.32 -25.14 6.65
N SER D 7 -27.45 -25.21 7.98
CA SER D 7 -28.21 -26.26 8.63
C SER D 7 -28.89 -25.68 9.86
N GLY D 8 -29.82 -26.46 10.41
CA GLY D 8 -30.70 -26.03 11.47
C GLY D 8 -32.16 -26.13 11.06
N GLY D 9 -32.98 -25.28 11.66
CA GLY D 9 -34.37 -25.18 11.25
C GLY D 9 -35.20 -26.37 11.71
N GLY D 10 -36.42 -26.42 11.21
CA GLY D 10 -37.37 -27.45 11.58
C GLY D 10 -38.65 -26.83 12.10
N LEU D 11 -39.42 -27.63 12.82
CA LEU D 11 -40.72 -27.22 13.35
C LEU D 11 -40.63 -27.05 14.86
N VAL D 12 -41.16 -25.94 15.37
CA VAL D 12 -41.15 -25.63 16.79
C VAL D 12 -42.50 -25.05 17.18
N GLN D 13 -42.64 -24.71 18.47
CA GLN D 13 -43.85 -24.10 19.00
C GLN D 13 -43.71 -22.58 18.94
N ALA D 14 -44.66 -21.87 19.57
CA ALA D 14 -44.65 -20.42 19.51
C ALA D 14 -43.52 -19.81 20.33
N GLY D 15 -43.28 -20.36 21.52
CA GLY D 15 -42.29 -19.82 22.43
C GLY D 15 -40.90 -20.41 22.31
N GLY D 16 -40.63 -21.20 21.26
CA GLY D 16 -39.35 -21.86 21.11
C GLY D 16 -38.25 -20.92 20.66
N SER D 17 -37.08 -21.51 20.47
CA SER D 17 -35.91 -20.77 20.04
C SER D 17 -35.04 -21.68 19.17
N LEU D 18 -34.31 -21.08 18.23
CA LEU D 18 -33.52 -21.84 17.27
C LEU D 18 -32.15 -21.22 17.10
N ARG D 19 -31.25 -22.02 16.52
CA ARG D 19 -29.88 -21.61 16.23
C ARG D 19 -29.50 -22.17 14.86
N LEU D 20 -29.56 -21.33 13.83
CA LEU D 20 -29.17 -21.74 12.49
C LEU D 20 -27.69 -21.47 12.28
N SER D 21 -27.03 -22.33 11.52
CA SER D 21 -25.61 -22.20 11.27
C SER D 21 -25.33 -22.23 9.77
N CYS D 22 -24.34 -21.46 9.34
CA CYS D 22 -23.93 -21.41 7.94
C CYS D 22 -22.41 -21.52 7.88
N ALA D 23 -21.92 -22.39 7.00
CA ALA D 23 -20.49 -22.63 6.81
C ALA D 23 -20.10 -22.24 5.40
N ALA D 24 -18.94 -21.58 5.29
CA ALA D 24 -18.47 -20.96 4.07
C ALA D 24 -17.33 -21.79 3.47
N SER D 25 -16.74 -21.28 2.39
CA SER D 25 -15.87 -22.04 1.51
C SER D 25 -14.78 -21.09 1.03
N GLY D 26 -14.10 -21.45 -0.06
CA GLY D 26 -12.82 -20.87 -0.44
C GLY D 26 -12.98 -19.42 -0.84
N MET D 27 -13.06 -18.55 0.17
CA MET D 27 -12.91 -17.11 0.03
C MET D 27 -12.13 -16.57 1.21
N ALA D 28 -12.02 -15.25 1.34
CA ALA D 28 -11.37 -14.64 2.50
C ALA D 28 -12.46 -14.33 3.51
N PHE D 29 -12.63 -15.22 4.49
CA PHE D 29 -13.78 -15.12 5.38
C PHE D 29 -13.63 -14.02 6.41
N SER D 30 -12.40 -13.61 6.72
CA SER D 30 -12.18 -12.63 7.77
C SER D 30 -12.39 -11.20 7.30
N ILE D 31 -12.64 -10.98 6.02
CA ILE D 31 -12.88 -9.65 5.46
C ILE D 31 -14.27 -9.52 4.87
N SER D 32 -14.76 -10.56 4.20
CA SER D 32 -16.00 -10.47 3.45
C SER D 32 -17.20 -10.32 4.37
N ARG D 33 -18.30 -9.85 3.80
CA ARG D 33 -19.53 -9.54 4.53
C ARG D 33 -20.59 -10.59 4.23
N MET D 34 -21.22 -11.11 5.27
CA MET D 34 -22.20 -12.18 5.16
C MET D 34 -23.59 -11.67 5.54
N GLU D 35 -24.62 -12.29 4.96
CA GLU D 35 -25.99 -11.85 5.14
C GLU D 35 -26.92 -13.03 5.32
N TRP D 36 -28.09 -12.78 5.92
CA TRP D 36 -29.14 -13.78 6.07
C TRP D 36 -30.42 -13.23 5.47
N HIS D 37 -31.05 -14.00 4.57
CA HIS D 37 -32.26 -13.56 3.90
C HIS D 37 -33.40 -14.54 4.19
N ARG D 38 -34.62 -14.01 4.14
CA ARG D 38 -35.82 -14.79 4.44
C ARG D 38 -36.82 -14.63 3.31
N GLN D 39 -37.43 -15.75 2.90
CA GLN D 39 -38.50 -15.74 1.92
C GLN D 39 -39.70 -16.49 2.47
N ALA D 40 -40.84 -15.82 2.51
CA ALA D 40 -42.07 -16.46 2.91
C ALA D 40 -42.72 -17.16 1.72
N PRO D 41 -43.52 -18.20 1.94
CA PRO D 41 -44.20 -18.87 0.82
C PRO D 41 -45.36 -17.98 0.39
N GLY D 42 -45.07 -17.07 -0.54
CA GLY D 42 -46.10 -16.22 -1.10
C GLY D 42 -45.70 -14.76 -1.20
N ASN D 43 -44.51 -14.42 -0.72
CA ASN D 43 -43.99 -13.06 -0.79
C ASN D 43 -42.69 -13.06 -1.60
N GLU D 44 -42.11 -11.87 -1.77
CA GLU D 44 -40.95 -11.74 -2.65
C GLU D 44 -39.59 -12.04 -2.01
N ARG D 45 -39.25 -11.34 -0.93
CA ARG D 45 -38.02 -11.55 -0.18
C ARG D 45 -37.93 -10.45 0.86
N GLU D 46 -37.00 -10.60 1.80
CA GLU D 46 -36.76 -9.62 2.84
C GLU D 46 -35.27 -9.60 3.17
N LEU D 47 -34.92 -8.91 4.26
CA LEU D 47 -33.58 -8.89 4.81
C LEU D 47 -33.67 -9.08 6.31
N VAL D 48 -32.72 -9.81 6.89
CA VAL D 48 -32.77 -10.19 8.29
C VAL D 48 -31.58 -9.60 9.06
N ALA D 49 -30.36 -9.79 8.56
CA ALA D 49 -29.20 -9.33 9.31
C ALA D 49 -27.99 -9.18 8.40
N ARG D 50 -27.04 -8.37 8.85
CA ARG D 50 -25.74 -8.21 8.20
C ARG D 50 -24.68 -8.10 9.28
N ILE D 51 -23.45 -8.48 8.95
CA ILE D 51 -22.41 -8.59 9.98
C ILE D 51 -21.13 -7.87 9.57
N THR D 52 -21.08 -7.39 8.33
CA THR D 52 -20.06 -6.47 7.79
C THR D 52 -18.62 -6.91 8.05
N GLY D 53 -18.40 -8.15 8.47
CA GLY D 53 -17.05 -8.69 8.60
C GLY D 53 -16.14 -8.01 9.60
N GLY D 54 -16.63 -7.00 10.31
CA GLY D 54 -15.80 -6.27 11.25
C GLY D 54 -16.40 -6.22 12.64
N GLY D 55 -17.70 -6.48 12.75
CA GLY D 55 -18.36 -6.46 14.03
C GLY D 55 -19.71 -5.77 14.05
N ARG D 56 -19.88 -4.75 13.21
CA ARG D 56 -21.12 -3.99 13.22
C ARG D 56 -22.29 -4.85 12.71
N THR D 57 -23.48 -4.52 13.18
CA THR D 57 -24.66 -5.34 12.93
C THR D 57 -25.85 -4.43 12.63
N THR D 58 -26.58 -4.76 11.56
CA THR D 58 -27.80 -4.07 11.21
C THR D 58 -28.91 -5.09 10.95
N TYR D 59 -30.14 -4.70 11.22
CA TYR D 59 -31.28 -5.58 11.11
C TYR D 59 -32.31 -5.00 10.14
N GLY D 60 -33.45 -5.67 10.05
CA GLY D 60 -34.49 -5.33 9.08
C GLY D 60 -35.67 -4.56 9.62
N ASP D 61 -35.59 -4.02 10.83
CA ASP D 61 -36.61 -3.17 11.46
C ASP D 61 -37.90 -3.91 11.78
N SER D 62 -37.99 -5.21 11.47
CA SER D 62 -39.15 -6.00 11.83
C SER D 62 -38.82 -7.13 12.79
N VAL D 63 -37.53 -7.39 13.05
CA VAL D 63 -37.08 -8.44 13.94
C VAL D 63 -36.17 -7.88 15.03
N LYS D 64 -36.17 -6.56 15.22
CA LYS D 64 -35.32 -5.95 16.22
C LYS D 64 -35.74 -6.39 17.62
N GLY D 65 -34.74 -6.69 18.46
CA GLY D 65 -35.00 -7.14 19.81
C GLY D 65 -35.33 -8.60 19.95
N ARG D 66 -35.28 -9.36 18.87
CA ARG D 66 -35.60 -10.79 18.92
C ARG D 66 -34.50 -11.66 18.33
N PHE D 67 -33.82 -11.21 17.29
CA PHE D 67 -32.82 -12.00 16.59
C PHE D 67 -31.43 -11.52 16.98
N THR D 68 -30.44 -12.40 16.78
CA THR D 68 -29.05 -12.01 17.04
C THR D 68 -28.13 -12.78 16.11
N ILE D 69 -27.31 -12.05 15.34
CA ILE D 69 -26.39 -12.66 14.40
C ILE D 69 -24.97 -12.50 14.94
N SER D 70 -24.17 -13.56 14.80
CA SER D 70 -22.78 -13.51 15.22
C SER D 70 -21.95 -14.32 14.23
N ARG D 71 -20.64 -14.08 14.24
CA ARG D 71 -19.73 -14.78 13.36
C ARG D 71 -18.56 -15.32 14.16
N ASP D 72 -17.95 -16.36 13.62
CA ASP D 72 -16.81 -17.03 14.24
C ASP D 72 -15.75 -17.27 13.16
N ASN D 73 -14.65 -16.53 13.25
CA ASN D 73 -13.50 -16.74 12.38
C ASN D 73 -12.70 -17.94 12.88
N ALA D 74 -11.70 -18.33 12.09
CA ALA D 74 -10.83 -19.49 12.31
C ALA D 74 -11.61 -20.79 12.22
N LYS D 75 -12.91 -20.74 11.97
CA LYS D 75 -13.73 -21.89 11.62
C LYS D 75 -14.72 -21.58 10.52
N SER D 76 -14.85 -20.32 10.10
CA SER D 76 -15.75 -19.91 9.03
C SER D 76 -17.24 -20.18 9.29
N MET D 77 -17.72 -19.69 10.43
CA MET D 77 -19.08 -19.98 10.86
C MET D 77 -19.88 -18.70 11.01
N VAL D 78 -21.15 -18.75 10.60
CA VAL D 78 -22.09 -17.67 10.83
C VAL D 78 -23.30 -18.24 11.56
N TYR D 79 -23.61 -17.69 12.73
CA TYR D 79 -24.67 -18.20 13.60
C TYR D 79 -25.79 -17.19 13.69
N LEU D 80 -27.03 -17.67 13.60
CA LEU D 80 -28.21 -16.84 13.80
C LEU D 80 -29.03 -17.44 14.92
N GLN D 81 -29.21 -16.67 16.00
CA GLN D 81 -30.00 -17.09 17.15
C GLN D 81 -31.35 -16.40 17.10
N MET D 82 -32.41 -17.20 17.11
CA MET D 82 -33.79 -16.73 17.05
C MET D 82 -34.45 -17.04 18.38
N ASN D 83 -34.97 -16.01 19.04
CA ASN D 83 -35.60 -16.14 20.35
C ASN D 83 -36.97 -15.47 20.32
N SER D 84 -37.91 -16.02 21.09
CA SER D 84 -39.26 -15.49 21.23
C SER D 84 -39.95 -15.39 19.87
N LEU D 85 -40.15 -16.57 19.26
CA LEU D 85 -40.71 -16.61 17.92
C LEU D 85 -42.20 -16.26 17.92
N LYS D 86 -42.71 -15.99 16.73
CA LYS D 86 -44.11 -15.64 16.51
C LYS D 86 -44.67 -16.52 15.40
N PRO D 87 -46.00 -16.76 15.40
CA PRO D 87 -46.57 -17.66 14.39
C PRO D 87 -46.74 -17.00 13.02
N GLU D 88 -45.72 -16.28 12.56
CA GLU D 88 -45.71 -15.77 11.20
C GLU D 88 -44.38 -15.96 10.49
N ASP D 89 -43.37 -16.51 11.18
CA ASP D 89 -42.03 -16.65 10.64
C ASP D 89 -41.84 -17.94 9.85
N THR D 90 -42.94 -18.63 9.51
CA THR D 90 -42.87 -19.81 8.68
C THR D 90 -42.21 -19.34 7.39
N ALA D 91 -41.05 -19.86 7.04
CA ALA D 91 -40.38 -19.36 5.84
C ALA D 91 -39.19 -20.25 5.50
N VAL D 92 -38.44 -19.79 4.49
CA VAL D 92 -37.22 -20.44 4.04
C VAL D 92 -36.09 -19.42 4.15
N TYR D 93 -35.00 -19.82 4.80
CA TYR D 93 -33.89 -18.94 5.09
C TYR D 93 -32.69 -19.28 4.22
N TYR D 94 -31.99 -18.24 3.76
CA TYR D 94 -30.86 -18.36 2.85
C TYR D 94 -29.65 -17.65 3.44
N CYS D 95 -28.47 -18.23 3.23
CA CYS D 95 -27.21 -17.63 3.60
C CYS D 95 -26.61 -16.96 2.38
N ASN D 96 -26.16 -15.72 2.53
CA ASN D 96 -25.88 -14.90 1.37
C ASN D 96 -24.54 -14.17 1.52
N THR D 97 -23.97 -13.82 0.38
CA THR D 97 -22.76 -13.03 0.24
C THR D 97 -22.89 -12.25 -1.06
N GLY D 98 -21.77 -11.85 -1.66
CA GLY D 98 -21.85 -11.03 -2.86
C GLY D 98 -22.40 -11.84 -4.01
N TYR D 99 -23.72 -12.06 -3.97
CA TYR D 99 -24.45 -12.92 -4.90
C TYR D 99 -23.84 -14.28 -5.20
N PHE D 100 -23.57 -15.01 -4.11
CA PHE D 100 -23.26 -16.44 -4.16
C PHE D 100 -24.21 -17.08 -3.16
N TRP D 101 -25.39 -17.48 -3.63
CA TRP D 101 -26.45 -17.93 -2.75
C TRP D 101 -26.25 -19.39 -2.35
N GLY D 102 -27.13 -19.86 -1.45
CA GLY D 102 -27.09 -21.24 -1.00
C GLY D 102 -28.50 -21.81 -0.93
N GLN D 103 -28.56 -23.12 -0.75
CA GLN D 103 -29.83 -23.84 -0.70
C GLN D 103 -30.44 -23.68 0.69
N GLY D 104 -31.56 -22.96 0.77
CA GLY D 104 -32.10 -22.54 2.04
C GLY D 104 -32.66 -23.67 2.89
N THR D 105 -33.10 -23.31 4.09
CA THR D 105 -33.65 -24.25 5.05
C THR D 105 -35.02 -23.78 5.52
N GLN D 106 -35.82 -24.72 6.01
CA GLN D 106 -37.22 -24.48 6.34
C GLN D 106 -37.38 -24.24 7.85
N VAL D 107 -38.13 -23.20 8.20
CA VAL D 107 -38.47 -22.92 9.59
C VAL D 107 -39.98 -22.83 9.70
N THR D 108 -40.55 -23.59 10.65
CA THR D 108 -41.99 -23.68 10.85
C THR D 108 -42.32 -23.43 12.32
N VAL D 109 -43.29 -22.56 12.56
CA VAL D 109 -43.76 -22.23 13.90
C VAL D 109 -45.24 -22.58 13.99
N SER D 110 -45.59 -23.41 14.97
CA SER D 110 -46.97 -23.83 15.15
C SER D 110 -47.69 -22.82 16.06
N SER D 111 -48.94 -23.12 16.40
CA SER D 111 -49.73 -22.25 17.26
C SER D 111 -49.32 -22.41 18.72
#